data_5X3T
#
_entry.id   5X3T
#
_cell.length_a   64.221
_cell.length_b   64.221
_cell.length_c   216.134
_cell.angle_alpha   90.00
_cell.angle_beta   90.00
_cell.angle_gamma   90.00
#
_symmetry.space_group_name_H-M   'P 41'
#
loop_
_entity.id
_entity.type
_entity.pdbx_description
1 polymer 'Antitoxin VapB26'
2 polymer 'Ribonuclease VapC26'
3 non-polymer 'MAGNESIUM ION'
4 water water
#
loop_
_entity_poly.entity_id
_entity_poly.type
_entity_poly.pdbx_seq_one_letter_code
_entity_poly.pdbx_strand_id
1 'polypeptide(L)' (MSE)DKTTVYLPDELKAAVKRAARQRGVSEAQVIRESIRAAVGGAKPPPRGG(MSE)YAGSEPIARRVDELLAGFGER A,C,E,G
2 'polypeptide(L)'
;(MSE)GSSHHHHHHSSGLVPRGSH(MSE)IIDTSALLAYFDAAEPDHAAVSECIDSSADALVVSPYVVAELDYLVATRVG
VDAELAVLRELAGGAWELANCGAAEIEQAARIVTKYQDQRIGIADAANVVLADRYRTRTILTLDRRHFSALRPIGGGRFT
VIP
;
B,D,F,H
#
# COMPACT_ATOMS: atom_id res chain seq x y z
N ASP A 2 24.94 -9.28 -4.93
CA ASP A 2 23.71 -9.90 -5.41
C ASP A 2 22.94 -8.93 -6.28
N LYS A 3 22.43 -9.43 -7.39
CA LYS A 3 21.65 -8.62 -8.30
C LYS A 3 20.18 -8.68 -7.89
N THR A 4 19.65 -7.55 -7.45
CA THR A 4 18.27 -7.46 -6.98
C THR A 4 17.40 -6.67 -7.95
N THR A 5 16.17 -7.12 -8.13
CA THR A 5 15.21 -6.43 -8.97
C THR A 5 13.97 -6.04 -8.17
N VAL A 6 13.67 -4.74 -8.15
CA VAL A 6 12.51 -4.27 -7.42
C VAL A 6 11.61 -3.43 -8.31
N TYR A 7 10.31 -3.53 -8.10
CA TYR A 7 9.41 -2.60 -8.75
C TYR A 7 9.39 -1.30 -7.97
N LEU A 8 9.67 -0.21 -8.65
CA LEU A 8 9.56 1.12 -8.08
C LEU A 8 8.46 1.86 -8.84
N PRO A 9 7.41 2.30 -8.13
CA PRO A 9 6.39 3.05 -8.87
C PRO A 9 6.95 4.37 -9.43
N ASP A 10 6.37 4.85 -10.52
CA ASP A 10 6.80 6.06 -11.21
C ASP A 10 6.99 7.27 -10.31
N GLU A 11 6.09 7.42 -9.34
CA GLU A 11 6.21 8.42 -8.29
C GLU A 11 7.61 8.46 -7.69
N LEU A 12 8.08 7.29 -7.29
CA LEU A 12 9.27 7.11 -6.49
C LEU A 12 10.53 7.21 -7.35
N LYS A 13 10.41 6.71 -8.57
CA LYS A 13 11.51 6.75 -9.52
C LYS A 13 11.77 8.19 -9.95
N ALA A 14 10.68 8.96 -10.07
CA ALA A 14 10.79 10.38 -10.38
C ALA A 14 11.36 11.15 -9.19
N ALA A 15 10.94 10.76 -7.99
CA ALA A 15 11.51 11.34 -6.77
C ALA A 15 13.04 11.14 -6.74
N VAL A 16 13.44 9.90 -6.94
CA VAL A 16 14.84 9.52 -6.97
C VAL A 16 15.61 10.28 -8.03
N LYS A 17 15.03 10.36 -9.23
CA LYS A 17 15.65 11.08 -10.34
C LYS A 17 15.89 12.54 -9.97
N ARG A 18 14.86 13.15 -9.38
CA ARG A 18 14.95 14.52 -8.90
C ARG A 18 16.12 14.69 -7.92
N ALA A 19 16.13 13.86 -6.87
CA ALA A 19 17.19 13.92 -5.86
C ALA A 19 18.56 13.73 -6.49
N ALA A 20 18.63 12.86 -7.49
CA ALA A 20 19.88 12.54 -8.16
C ALA A 20 20.42 13.75 -8.91
N ARG A 21 19.57 14.39 -9.71
CA ARG A 21 20.02 15.56 -10.46
C ARG A 21 20.27 16.78 -9.59
N GLN A 22 19.64 16.83 -8.41
CA GLN A 22 19.91 17.92 -7.48
C GLN A 22 21.24 17.72 -6.74
N ARG A 23 21.57 16.47 -6.42
CA ARG A 23 22.83 16.15 -5.75
C ARG A 23 24.01 15.98 -6.71
N GLY A 24 23.72 15.73 -7.98
CA GLY A 24 24.77 15.53 -8.97
C GLY A 24 25.43 14.17 -8.91
N VAL A 25 24.62 13.13 -8.67
CA VAL A 25 25.11 11.75 -8.65
C VAL A 25 24.15 10.79 -9.34
N SER A 26 24.58 9.55 -9.53
CA SER A 26 23.76 8.51 -10.15
C SER A 26 22.50 8.20 -9.34
N GLU A 27 21.47 7.69 -10.00
CA GLU A 27 20.25 7.27 -9.31
C GLU A 27 20.54 6.07 -8.42
N ALA A 28 21.46 5.22 -8.91
CA ALA A 28 21.93 4.05 -8.19
C ALA A 28 22.47 4.42 -6.80
N GLN A 29 23.32 5.45 -6.76
CA GLN A 29 23.94 5.88 -5.51
C GLN A 29 22.90 6.39 -4.51
N VAL A 30 21.94 7.17 -5.01
CA VAL A 30 20.84 7.66 -4.18
C VAL A 30 20.10 6.48 -3.55
N ILE A 31 19.78 5.49 -4.37
CA ILE A 31 19.06 4.31 -3.89
C ILE A 31 19.87 3.55 -2.82
N ARG A 32 21.13 3.27 -3.10
CA ARG A 32 22.01 2.57 -2.15
C ARG A 32 22.09 3.30 -0.81
N GLU A 33 22.33 4.61 -0.89
CA GLU A 33 22.43 5.43 0.30
C GLU A 33 21.13 5.42 1.10
N SER A 34 20.00 5.52 0.41
CA SER A 34 18.70 5.49 1.08
C SER A 34 18.52 4.19 1.86
N ILE A 35 18.75 3.09 1.16
CA ILE A 35 18.63 1.76 1.76
C ILE A 35 19.55 1.59 2.98
N ARG A 36 20.83 1.92 2.82
CA ARG A 36 21.77 1.85 3.94
C ARG A 36 21.31 2.70 5.11
N ALA A 37 20.79 3.88 4.81
CA ALA A 37 20.27 4.77 5.83
C ALA A 37 19.13 4.12 6.61
N ALA A 38 18.26 3.39 5.90
CA ALA A 38 17.12 2.76 6.59
C ALA A 38 17.47 1.48 7.37
N VAL A 39 18.13 0.52 6.70
CA VAL A 39 18.40 -0.77 7.33
C VAL A 39 19.81 -0.96 7.92
N GLY A 40 20.69 0.03 7.73
CA GLY A 40 22.05 -0.09 8.20
C GLY A 40 22.93 -1.01 7.36
N GLY A 41 24.17 -1.17 7.82
CA GLY A 41 25.16 -2.01 7.18
C GLY A 41 25.23 -3.35 7.88
N ALA A 42 26.44 -3.87 8.01
CA ALA A 42 26.70 -5.08 8.76
C ALA A 42 26.05 -4.98 10.13
N LYS A 43 25.49 -6.09 10.62
CA LYS A 43 24.76 -6.07 11.88
C LYS A 43 25.68 -5.70 13.05
N PRO A 44 25.35 -4.61 13.74
CA PRO A 44 26.10 -4.20 14.94
C PRO A 44 26.07 -5.28 16.00
N PRO A 45 27.21 -5.56 16.63
CA PRO A 45 27.26 -6.48 17.78
C PRO A 45 26.47 -5.93 18.96
N PRO A 46 25.88 -6.81 19.78
CA PRO A 46 25.12 -6.35 20.93
C PRO A 46 26.00 -5.78 22.03
N ARG A 47 25.42 -4.97 22.92
CA ARG A 47 26.14 -4.45 24.07
C ARG A 47 25.42 -4.82 25.36
N GLY A 48 26.14 -5.48 26.26
CA GLY A 48 25.62 -5.81 27.57
C GLY A 48 26.23 -4.94 28.65
N GLY A 49 25.92 -5.26 29.90
CA GLY A 49 26.51 -4.59 31.04
C GLY A 49 26.32 -3.07 31.05
N TYR A 51 24.40 -1.33 33.22
CA TYR A 51 24.18 -0.81 34.55
C TYR A 51 24.61 -1.84 35.57
N ALA A 52 24.56 -1.47 36.84
CA ALA A 52 24.84 -2.41 37.91
C ALA A 52 23.67 -2.33 38.87
N GLY A 53 22.96 -3.45 39.00
CA GLY A 53 21.75 -3.48 39.79
C GLY A 53 22.05 -3.72 41.26
N SER A 54 21.05 -3.49 42.10
CA SER A 54 21.20 -3.74 43.52
C SER A 54 21.16 -5.23 43.83
N GLU A 55 20.12 -5.90 43.34
CA GLU A 55 19.85 -7.28 43.70
C GLU A 55 19.75 -8.17 42.47
N PRO A 56 20.30 -9.39 42.53
CA PRO A 56 20.08 -10.27 41.39
C PRO A 56 18.60 -10.64 41.25
N ILE A 57 17.99 -10.30 40.12
CA ILE A 57 16.61 -10.69 39.83
C ILE A 57 16.45 -11.75 38.76
N ALA A 58 17.56 -12.14 38.13
CA ALA A 58 17.52 -12.89 36.87
C ALA A 58 16.94 -14.29 37.00
N ARG A 59 17.15 -14.91 38.16
CA ARG A 59 16.65 -16.26 38.38
C ARG A 59 15.28 -16.22 39.04
N ARG A 60 14.81 -15.01 39.34
CA ARG A 60 13.55 -14.81 40.04
C ARG A 60 12.33 -14.42 39.18
N VAL A 61 12.48 -14.48 37.85
CA VAL A 61 11.50 -13.93 36.90
C VAL A 61 10.03 -14.17 37.26
N ASP A 62 9.62 -15.44 37.33
CA ASP A 62 8.24 -15.81 37.71
C ASP A 62 7.76 -15.05 38.92
N GLU A 63 8.55 -15.08 39.98
CA GLU A 63 8.23 -14.42 41.23
C GLU A 63 8.03 -12.90 41.10
N LEU A 64 8.87 -12.25 40.28
CA LEU A 64 8.89 -10.79 40.22
C LEU A 64 8.01 -10.18 39.14
N LEU A 65 7.48 -11.03 38.28
CA LEU A 65 6.50 -10.64 37.28
C LEU A 65 5.14 -10.33 37.86
N ALA A 66 5.03 -10.43 39.18
CA ALA A 66 3.74 -10.41 39.89
C ALA A 66 2.72 -9.37 39.41
N GLY A 67 3.05 -8.09 39.50
CA GLY A 67 2.10 -7.06 39.12
C GLY A 67 2.08 -6.66 37.65
N PHE A 68 2.61 -7.54 36.80
CA PHE A 68 2.64 -7.32 35.34
C PHE A 68 1.23 -7.05 34.77
N GLY A 69 1.12 -5.99 33.98
CA GLY A 69 -0.16 -5.62 33.39
C GLY A 69 -1.04 -4.84 34.36
N GLU A 70 -0.44 -4.44 35.48
CA GLU A 70 -1.10 -3.67 36.52
C GLU A 70 -2.36 -4.37 37.06
N ASP B 2 9.00 -2.42 -16.80
CA ASP B 2 10.40 -2.68 -16.51
C ASP B 2 10.76 -2.40 -15.05
N LYS B 3 11.23 -3.43 -14.35
CA LYS B 3 11.63 -3.30 -12.96
C LYS B 3 13.05 -2.77 -12.86
N THR B 4 13.34 -2.09 -11.76
CA THR B 4 14.63 -1.44 -11.59
C THR B 4 15.67 -2.41 -11.02
N THR B 5 16.84 -2.45 -11.65
CA THR B 5 17.93 -3.26 -11.15
C THR B 5 18.66 -2.53 -10.03
N VAL B 6 18.91 -3.25 -8.93
CA VAL B 6 19.66 -2.70 -7.82
C VAL B 6 20.76 -3.66 -7.39
N TYR B 7 22.01 -3.21 -7.45
CA TYR B 7 23.11 -4.03 -6.98
C TYR B 7 23.40 -3.71 -5.52
N LEU B 8 23.25 -4.71 -4.67
CA LEU B 8 23.47 -4.59 -3.24
C LEU B 8 24.75 -5.30 -2.81
N PRO B 9 25.64 -4.60 -2.11
CA PRO B 9 26.72 -5.31 -1.42
C PRO B 9 26.12 -6.31 -0.42
N ASP B 10 26.85 -7.38 -0.12
CA ASP B 10 26.30 -8.45 0.70
C ASP B 10 25.94 -8.00 2.10
N GLU B 11 26.70 -7.02 2.61
CA GLU B 11 26.41 -6.39 3.89
C GLU B 11 24.97 -5.86 3.88
N LEU B 12 24.69 -5.09 2.85
CA LEU B 12 23.44 -4.38 2.70
C LEU B 12 22.29 -5.33 2.36
N LYS B 13 22.58 -6.34 1.53
CA LYS B 13 21.60 -7.36 1.18
C LYS B 13 21.14 -8.09 2.44
N ALA B 14 22.11 -8.48 3.25
CA ALA B 14 21.84 -9.12 4.53
C ALA B 14 21.02 -8.22 5.44
N ALA B 15 21.34 -6.93 5.46
CA ALA B 15 20.58 -5.99 6.27
C ALA B 15 19.11 -5.88 5.82
N VAL B 16 18.90 -5.84 4.51
CA VAL B 16 17.54 -5.76 3.96
C VAL B 16 16.74 -7.02 4.30
N LYS B 17 17.34 -8.17 4.04
CA LYS B 17 16.77 -9.46 4.42
C LYS B 17 16.37 -9.49 5.89
N ARG B 18 17.29 -9.03 6.74
CA ARG B 18 17.11 -8.97 8.19
C ARG B 18 15.89 -8.12 8.56
N ALA B 19 15.84 -6.90 8.02
CA ALA B 19 14.74 -5.98 8.28
C ALA B 19 13.39 -6.53 7.84
N ALA B 20 13.35 -7.12 6.65
CA ALA B 20 12.14 -7.74 6.14
C ALA B 20 11.67 -8.87 7.04
N ARG B 21 12.61 -9.73 7.42
CA ARG B 21 12.30 -10.86 8.29
C ARG B 21 11.71 -10.37 9.62
N GLN B 22 12.30 -9.33 10.20
CA GLN B 22 11.78 -8.80 11.46
C GLN B 22 10.41 -8.15 11.30
N ARG B 23 10.21 -7.42 10.20
CA ARG B 23 9.00 -6.63 10.02
C ARG B 23 7.81 -7.39 9.47
N GLY B 24 8.04 -8.60 9.00
CA GLY B 24 6.97 -9.39 8.39
C GLY B 24 6.47 -8.75 7.12
N VAL B 25 7.39 -8.12 6.39
CA VAL B 25 7.06 -7.58 5.07
C VAL B 25 8.07 -8.08 4.04
N SER B 26 7.89 -7.65 2.80
CA SER B 26 8.75 -8.08 1.68
C SER B 26 10.07 -7.31 1.65
N GLU B 27 11.10 -7.91 1.08
CA GLU B 27 12.37 -7.23 0.85
C GLU B 27 12.16 -6.03 -0.07
N ALA B 28 11.37 -6.25 -1.12
CA ALA B 28 10.99 -5.20 -2.07
C ALA B 28 10.38 -4.01 -1.33
N GLN B 29 9.53 -4.30 -0.36
CA GLN B 29 8.82 -3.29 0.40
C GLN B 29 9.77 -2.50 1.31
N VAL B 30 10.68 -3.21 1.97
CA VAL B 30 11.72 -2.57 2.78
C VAL B 30 12.50 -1.58 1.93
N ILE B 31 12.91 -2.02 0.75
CA ILE B 31 13.63 -1.15 -0.18
C ILE B 31 12.82 0.09 -0.56
N ARG B 32 11.59 -0.13 -1.02
CA ARG B 32 10.72 0.99 -1.39
C ARG B 32 10.53 2.00 -0.28
N GLU B 33 10.29 1.53 0.94
CA GLU B 33 10.08 2.45 2.06
C GLU B 33 11.36 3.17 2.46
N SER B 34 12.51 2.50 2.31
CA SER B 34 13.80 3.15 2.51
C SER B 34 13.89 4.36 1.59
N ILE B 35 13.69 4.09 0.31
CA ILE B 35 13.78 5.13 -0.72
C ILE B 35 12.77 6.26 -0.49
N ARG B 36 11.54 5.92 -0.13
CA ARG B 36 10.53 6.94 0.11
C ARG B 36 10.92 7.82 1.28
N ALA B 37 11.37 7.20 2.37
CA ALA B 37 11.77 7.94 3.55
C ALA B 37 12.92 8.89 3.24
N ALA B 38 13.81 8.47 2.35
CA ALA B 38 14.89 9.36 1.93
C ALA B 38 14.44 10.51 1.03
N VAL B 39 13.86 10.18 -0.12
CA VAL B 39 13.53 11.21 -1.13
C VAL B 39 12.07 11.67 -1.20
N GLY B 40 11.19 11.15 -0.34
CA GLY B 40 9.79 11.52 -0.38
C GLY B 40 9.44 12.78 0.40
N GLY B 41 8.17 13.17 0.35
CA GLY B 41 7.67 14.32 1.09
C GLY B 41 8.11 15.66 0.50
N ALA B 42 8.93 15.58 -0.53
CA ALA B 42 9.60 16.73 -1.13
C ALA B 42 8.90 17.27 -2.40
N LYS B 43 7.77 16.69 -2.78
CA LYS B 43 7.14 16.97 -4.08
C LYS B 43 6.72 18.46 -4.25
N PRO B 44 7.11 19.06 -5.39
CA PRO B 44 6.97 20.48 -5.75
C PRO B 44 5.54 21.01 -5.68
N PRO B 45 5.34 22.27 -5.26
CA PRO B 45 4.00 22.85 -5.30
C PRO B 45 3.52 23.10 -6.73
N PRO B 46 2.20 23.13 -6.95
CA PRO B 46 1.62 23.41 -8.27
C PRO B 46 1.80 24.87 -8.69
N ARG B 47 2.06 25.09 -9.98
CA ARG B 47 2.24 26.44 -10.51
C ARG B 47 1.01 26.87 -11.31
N GLY B 48 0.35 27.93 -10.86
CA GLY B 48 -0.77 28.49 -11.59
C GLY B 48 -0.34 29.71 -12.38
N GLY B 49 -1.31 30.47 -12.88
CA GLY B 49 -1.08 31.74 -13.54
C GLY B 49 -0.04 31.68 -14.64
N TYR B 51 0.06 31.71 -17.87
CA TYR B 51 0.05 32.45 -19.12
C TYR B 51 -1.07 33.49 -19.22
N ALA B 52 -1.07 34.22 -20.33
CA ALA B 52 -2.05 35.28 -20.58
C ALA B 52 -2.96 34.90 -21.75
N GLY B 53 -4.26 34.74 -21.50
CA GLY B 53 -5.17 34.09 -22.43
C GLY B 53 -5.68 34.87 -23.63
N SER B 54 -6.14 36.11 -23.40
CA SER B 54 -7.21 36.74 -24.19
C SER B 54 -8.56 36.04 -23.91
N GLU B 55 -9.21 35.53 -24.96
CA GLU B 55 -10.61 35.06 -24.86
C GLU B 55 -10.85 34.04 -23.74
N PRO B 56 -11.75 34.37 -22.80
CA PRO B 56 -12.02 33.43 -21.70
C PRO B 56 -12.81 32.20 -22.16
N ILE B 57 -12.24 31.01 -21.97
CA ILE B 57 -12.92 29.77 -22.32
C ILE B 57 -13.38 28.84 -21.17
N ALA B 58 -13.03 29.16 -19.92
CA ALA B 58 -13.14 28.18 -18.83
C ALA B 58 -14.56 27.72 -18.53
N ARG B 59 -15.53 28.63 -18.65
CA ARG B 59 -16.91 28.31 -18.37
C ARG B 59 -17.60 27.82 -19.63
N ARG B 60 -16.88 27.91 -20.73
CA ARG B 60 -17.41 27.56 -22.04
C ARG B 60 -17.03 26.17 -22.59
N VAL B 61 -16.40 25.33 -21.77
CA VAL B 61 -15.71 24.10 -22.23
C VAL B 61 -16.49 23.29 -23.28
N ASP B 62 -17.73 22.94 -22.96
CA ASP B 62 -18.55 22.13 -23.85
C ASP B 62 -18.58 22.80 -25.21
N GLU B 63 -19.05 24.04 -25.23
CA GLU B 63 -19.14 24.84 -26.43
C GLU B 63 -17.84 24.80 -27.24
N LEU B 64 -16.71 24.93 -26.55
CA LEU B 64 -15.44 25.08 -27.24
C LEU B 64 -14.64 23.79 -27.38
N LEU B 65 -15.19 22.67 -26.94
CA LEU B 65 -14.53 21.39 -27.22
C LEU B 65 -14.87 20.85 -28.59
N ALA B 66 -15.62 21.64 -29.35
CA ALA B 66 -16.29 21.19 -30.57
C ALA B 66 -15.44 20.34 -31.50
N GLY B 67 -14.37 20.92 -32.00
CA GLY B 67 -13.56 20.17 -32.92
C GLY B 67 -12.65 19.14 -32.28
N PHE B 68 -12.91 18.73 -31.03
CA PHE B 68 -12.00 17.82 -30.32
C PHE B 68 -11.66 16.58 -31.22
N GLY B 69 -10.40 16.13 -31.17
CA GLY B 69 -9.66 15.68 -32.34
C GLY B 69 -10.15 14.76 -33.47
N GLU B 70 -9.96 15.26 -34.68
CA GLU B 70 -9.40 16.60 -34.89
C GLU B 70 -10.09 17.37 -36.02
N ASP C 2 7.01 -23.60 -13.47
CA ASP C 2 6.59 -22.66 -12.45
C ASP C 2 7.64 -22.45 -11.36
N LYS C 3 8.18 -21.23 -11.37
CA LYS C 3 8.97 -20.67 -10.30
C LYS C 3 8.24 -19.53 -9.54
N THR C 4 6.95 -19.25 -9.83
CA THR C 4 6.41 -17.98 -9.32
C THR C 4 6.47 -17.92 -7.82
N THR C 5 7.22 -16.94 -7.36
CA THR C 5 7.44 -16.71 -5.94
C THR C 5 7.00 -15.29 -5.70
N VAL C 6 5.98 -15.14 -4.87
CA VAL C 6 5.38 -13.83 -4.67
C VAL C 6 5.09 -13.64 -3.20
N TYR C 7 5.53 -12.51 -2.65
CA TYR C 7 5.28 -12.25 -1.25
C TYR C 7 3.82 -11.89 -1.00
N LEU C 8 3.20 -12.64 -0.10
CA LEU C 8 1.84 -12.41 0.33
C LEU C 8 1.89 -12.06 1.82
N PRO C 9 1.49 -10.84 2.20
CA PRO C 9 1.65 -10.47 3.61
C PRO C 9 0.82 -11.33 4.55
N ASP C 10 1.22 -11.40 5.81
CA ASP C 10 0.74 -12.44 6.70
C ASP C 10 -0.74 -12.35 7.06
N GLU C 11 -1.40 -11.27 6.67
CA GLU C 11 -2.84 -11.18 6.88
C GLU C 11 -3.65 -11.92 5.82
N LEU C 12 -3.21 -11.94 4.56
CA LEU C 12 -4.08 -12.48 3.52
C LEU C 12 -3.89 -13.95 3.22
N LYS C 13 -2.87 -14.58 3.80
CA LYS C 13 -2.73 -16.03 3.64
C LYS C 13 -3.53 -16.74 4.70
N ALA C 14 -3.79 -15.96 5.75
CA ALA C 14 -4.85 -16.23 6.69
C ALA C 14 -6.15 -16.31 5.89
N ALA C 15 -6.46 -15.23 5.17
CA ALA C 15 -7.63 -15.16 4.33
C ALA C 15 -7.70 -16.35 3.39
N VAL C 16 -6.57 -16.64 2.75
CA VAL C 16 -6.50 -17.72 1.77
C VAL C 16 -6.78 -19.09 2.38
N LYS C 17 -6.07 -19.46 3.45
CA LYS C 17 -6.26 -20.81 4.01
C LYS C 17 -7.66 -20.94 4.61
N ARG C 18 -8.17 -19.88 5.24
CA ARG C 18 -9.56 -19.87 5.67
C ARG C 18 -10.48 -20.16 4.47
N ALA C 19 -10.20 -19.49 3.36
CA ALA C 19 -10.97 -19.64 2.13
C ALA C 19 -10.96 -21.09 1.62
N ALA C 20 -9.77 -21.68 1.48
CA ALA C 20 -9.64 -23.05 1.01
C ALA C 20 -10.34 -24.01 1.96
N ARG C 21 -10.35 -23.66 3.24
CA ARG C 21 -11.08 -24.45 4.22
C ARG C 21 -12.57 -24.39 3.96
N GLN C 22 -13.11 -23.19 3.75
CA GLN C 22 -14.55 -23.12 3.54
C GLN C 22 -14.98 -23.66 2.17
N ARG C 23 -14.05 -23.73 1.22
CA ARG C 23 -14.39 -24.36 -0.06
C ARG C 23 -13.91 -25.81 -0.24
N GLY C 24 -13.12 -26.31 0.70
CA GLY C 24 -12.56 -27.65 0.60
C GLY C 24 -11.63 -27.91 -0.57
N VAL C 25 -10.68 -26.99 -0.81
CA VAL C 25 -9.77 -27.09 -1.96
C VAL C 25 -8.33 -26.72 -1.62
N SER C 26 -7.43 -26.96 -2.57
CA SER C 26 -6.06 -26.45 -2.49
C SER C 26 -6.11 -24.93 -2.36
N GLU C 27 -5.28 -24.36 -1.48
CA GLU C 27 -5.27 -22.90 -1.38
C GLU C 27 -4.44 -22.29 -2.50
N ALA C 28 -3.53 -23.09 -3.05
CA ALA C 28 -2.86 -22.70 -4.28
C ALA C 28 -3.95 -22.44 -5.32
N GLN C 29 -4.97 -23.28 -5.29
CA GLN C 29 -6.09 -23.22 -6.21
C GLN C 29 -6.99 -22.00 -5.98
N VAL C 30 -7.25 -21.69 -4.71
CA VAL C 30 -7.96 -20.45 -4.36
C VAL C 30 -7.21 -19.28 -4.97
N ILE C 31 -5.89 -19.32 -4.87
CA ILE C 31 -5.03 -18.28 -5.46
C ILE C 31 -5.17 -18.16 -6.97
N ARG C 32 -5.00 -19.28 -7.69
CA ARG C 32 -5.17 -19.25 -9.15
C ARG C 32 -6.54 -18.72 -9.58
N GLU C 33 -7.58 -19.15 -8.87
CA GLU C 33 -8.94 -18.74 -9.23
C GLU C 33 -9.18 -17.25 -8.95
N SER C 34 -8.68 -16.75 -7.83
CA SER C 34 -8.77 -15.31 -7.55
C SER C 34 -8.11 -14.50 -8.66
N ILE C 35 -6.86 -14.86 -8.96
CA ILE C 35 -6.10 -14.17 -10.00
C ILE C 35 -6.87 -14.16 -11.33
N ARG C 36 -7.35 -15.33 -11.74
CA ARG C 36 -8.08 -15.43 -13.00
C ARG C 36 -9.35 -14.60 -12.95
N ALA C 37 -9.95 -14.48 -11.77
CA ALA C 37 -11.12 -13.64 -11.62
C ALA C 37 -10.78 -12.18 -11.86
N ALA C 38 -9.61 -11.74 -11.41
CA ALA C 38 -9.24 -10.34 -11.64
C ALA C 38 -8.73 -10.05 -13.05
N VAL C 39 -7.60 -10.65 -13.42
CA VAL C 39 -6.97 -10.37 -14.72
C VAL C 39 -7.25 -11.39 -15.85
N GLY C 40 -7.94 -12.47 -15.50
CA GLY C 40 -7.64 -13.80 -16.03
C GLY C 40 -7.80 -14.36 -17.43
N GLY C 41 -6.88 -15.26 -17.74
CA GLY C 41 -6.97 -16.13 -18.89
C GLY C 41 -6.24 -15.65 -20.13
N ALA C 42 -6.33 -16.44 -21.20
CA ALA C 42 -5.82 -16.04 -22.50
C ALA C 42 -6.50 -14.75 -22.89
N LYS C 43 -5.73 -13.85 -23.52
CA LYS C 43 -6.26 -12.56 -23.92
C LYS C 43 -7.48 -12.74 -24.82
N PRO C 44 -8.59 -12.10 -24.44
CA PRO C 44 -9.75 -12.13 -25.34
C PRO C 44 -9.40 -11.43 -26.65
N PRO C 45 -9.78 -12.04 -27.79
CA PRO C 45 -9.65 -11.34 -29.06
C PRO C 45 -10.58 -10.13 -29.11
N PRO C 46 -10.19 -9.08 -29.84
CA PRO C 46 -11.00 -7.87 -29.93
C PRO C 46 -12.26 -8.07 -30.76
N ARG C 47 -13.24 -7.20 -30.56
CA ARG C 47 -14.46 -7.22 -31.37
C ARG C 47 -14.71 -5.87 -32.03
N GLY C 48 -14.81 -5.88 -33.35
CA GLY C 48 -15.14 -4.70 -34.12
C GLY C 48 -16.54 -4.78 -34.69
N GLY C 49 -16.87 -3.86 -35.59
CA GLY C 49 -18.17 -3.83 -36.24
C GLY C 49 -19.34 -3.84 -35.27
N TYR C 51 -21.33 -1.37 -34.57
CA TYR C 51 -22.46 -0.61 -35.09
C TYR C 51 -22.20 -0.24 -36.54
N ALA C 52 -23.19 0.39 -37.18
CA ALA C 52 -22.98 0.99 -38.49
C ALA C 52 -23.43 2.44 -38.44
N GLY C 53 -22.47 3.34 -38.58
CA GLY C 53 -22.75 4.76 -38.57
C GLY C 53 -23.41 5.21 -39.86
N SER C 54 -23.95 6.42 -39.87
CA SER C 54 -24.69 6.93 -41.02
C SER C 54 -23.87 7.81 -41.97
N GLU C 55 -22.57 7.95 -41.70
CA GLU C 55 -21.66 8.70 -42.59
C GLU C 55 -20.21 8.61 -42.12
N PRO C 56 -19.26 8.53 -43.08
CA PRO C 56 -17.84 8.32 -42.75
C PRO C 56 -17.17 9.52 -42.10
N ILE C 57 -16.40 9.24 -41.06
CA ILE C 57 -15.71 10.27 -40.28
C ILE C 57 -14.22 9.94 -40.17
N ALA C 58 -13.92 8.70 -39.80
CA ALA C 58 -12.56 8.26 -39.47
C ALA C 58 -11.46 8.77 -40.40
N ARG C 59 -11.76 9.01 -41.67
CA ARG C 59 -10.75 9.55 -42.58
C ARG C 59 -10.86 11.07 -42.77
N ARG C 60 -9.70 11.71 -42.82
CA ARG C 60 -9.60 13.17 -42.88
C ARG C 60 -9.86 13.76 -44.27
N VAL C 61 -9.65 15.07 -44.39
CA VAL C 61 -9.83 15.77 -45.66
C VAL C 61 -8.53 15.80 -46.46
N ASP D 2 8.54 -16.39 4.75
CA ASP D 2 8.00 -15.17 4.19
C ASP D 2 7.29 -15.40 2.87
N LYS D 3 8.07 -15.70 1.83
CA LYS D 3 7.60 -15.61 0.45
C LYS D 3 7.06 -16.91 -0.15
N THR D 4 5.96 -16.78 -0.90
CA THR D 4 5.19 -17.92 -1.41
C THR D 4 5.60 -18.35 -2.81
N THR D 5 5.55 -19.65 -3.08
CA THR D 5 5.54 -20.16 -4.45
C THR D 5 4.21 -20.91 -4.66
N VAL D 6 3.58 -20.74 -5.83
CA VAL D 6 2.29 -21.39 -6.17
C VAL D 6 2.20 -21.71 -7.66
N TYR D 7 1.39 -22.69 -8.08
CA TYR D 7 1.36 -23.05 -9.50
C TYR D 7 0.52 -22.09 -10.35
N LEU D 8 1.18 -21.43 -11.29
CA LEU D 8 0.53 -20.57 -12.28
C LEU D 8 0.76 -21.07 -13.71
N PRO D 9 -0.31 -21.46 -14.42
CA PRO D 9 -0.20 -21.81 -15.84
C PRO D 9 0.34 -20.61 -16.64
N ASP D 10 1.00 -20.85 -17.76
CA ASP D 10 1.65 -19.78 -18.54
C ASP D 10 0.67 -18.66 -18.86
N GLU D 11 -0.51 -19.04 -19.34
CA GLU D 11 -1.55 -18.10 -19.74
C GLU D 11 -1.91 -17.14 -18.61
N LEU D 12 -1.91 -17.64 -17.38
CA LEU D 12 -2.22 -16.83 -16.20
C LEU D 12 -1.15 -15.79 -15.90
N LYS D 13 0.12 -16.23 -15.92
CA LYS D 13 1.25 -15.33 -15.69
C LYS D 13 1.35 -14.27 -16.78
N ALA D 14 0.97 -14.66 -17.98
CA ALA D 14 0.89 -13.74 -19.10
C ALA D 14 -0.17 -12.68 -18.80
N ALA D 15 -1.34 -13.14 -18.33
CA ALA D 15 -2.40 -12.23 -17.95
C ALA D 15 -1.95 -11.24 -16.86
N VAL D 16 -1.23 -11.76 -15.88
CA VAL D 16 -0.71 -10.94 -14.78
C VAL D 16 0.25 -9.88 -15.28
N LYS D 17 1.16 -10.30 -16.16
CA LYS D 17 2.13 -9.38 -16.75
C LYS D 17 1.41 -8.29 -17.54
N ARG D 18 0.34 -8.67 -18.24
CA ARG D 18 -0.44 -7.73 -19.03
C ARG D 18 -1.05 -6.67 -18.13
N ALA D 19 -1.77 -7.15 -17.13
CA ALA D 19 -2.43 -6.28 -16.16
C ALA D 19 -1.44 -5.30 -15.54
N ALA D 20 -0.35 -5.82 -14.99
CA ALA D 20 0.66 -5.00 -14.35
C ALA D 20 1.25 -3.96 -15.29
N ARG D 21 1.51 -4.38 -16.53
CA ARG D 21 2.10 -3.50 -17.53
C ARG D 21 1.14 -2.36 -17.90
N GLN D 22 -0.15 -2.66 -17.89
CA GLN D 22 -1.15 -1.65 -18.22
C GLN D 22 -1.43 -0.68 -17.08
N ARG D 23 -1.61 -1.21 -15.88
CA ARG D 23 -2.04 -0.38 -14.75
C ARG D 23 -0.85 0.33 -14.10
N GLY D 24 0.36 -0.07 -14.50
CA GLY D 24 1.57 0.54 -13.98
C GLY D 24 1.83 0.18 -12.52
N VAL D 25 1.74 -1.11 -12.20
CA VAL D 25 2.10 -1.60 -10.88
C VAL D 25 2.92 -2.88 -10.98
N SER D 26 3.32 -3.43 -9.84
CA SER D 26 4.07 -4.68 -9.82
C SER D 26 3.14 -5.85 -10.09
N GLU D 27 3.68 -6.93 -10.68
CA GLU D 27 2.95 -8.18 -10.84
C GLU D 27 2.44 -8.66 -9.48
N ALA D 28 3.29 -8.45 -8.48
CA ALA D 28 3.07 -8.92 -7.12
C ALA D 28 1.82 -8.29 -6.49
N GLN D 29 1.57 -7.01 -6.76
CA GLN D 29 0.41 -6.36 -6.18
C GLN D 29 -0.85 -6.54 -7.06
N VAL D 30 -0.64 -6.92 -8.32
CA VAL D 30 -1.74 -7.37 -9.17
C VAL D 30 -2.29 -8.65 -8.57
N ILE D 31 -1.39 -9.60 -8.35
CA ILE D 31 -1.69 -10.90 -7.75
C ILE D 31 -2.32 -10.73 -6.37
N ARG D 32 -1.62 -9.98 -5.52
CA ARG D 32 -2.10 -9.64 -4.19
C ARG D 32 -3.53 -9.09 -4.14
N GLU D 33 -3.77 -7.96 -4.81
CA GLU D 33 -5.11 -7.38 -4.78
C GLU D 33 -6.13 -8.29 -5.44
N SER D 34 -5.71 -9.09 -6.41
CA SER D 34 -6.61 -10.10 -6.96
C SER D 34 -7.14 -10.95 -5.80
N ILE D 35 -6.19 -11.43 -5.00
CA ILE D 35 -6.51 -12.21 -3.81
C ILE D 35 -7.46 -11.45 -2.86
N ARG D 36 -7.13 -10.19 -2.56
CA ARG D 36 -7.96 -9.39 -1.64
C ARG D 36 -9.37 -9.20 -2.18
N ALA D 37 -9.49 -9.00 -3.49
CA ALA D 37 -10.78 -8.82 -4.12
C ALA D 37 -11.62 -10.08 -4.05
N ALA D 38 -10.96 -11.24 -4.12
CA ALA D 38 -11.73 -12.49 -4.01
C ALA D 38 -12.13 -12.78 -2.56
N VAL D 39 -11.21 -12.64 -1.62
CA VAL D 39 -11.47 -12.99 -0.23
C VAL D 39 -11.85 -11.80 0.69
N GLY D 40 -12.01 -10.61 0.12
CA GLY D 40 -12.24 -9.40 0.90
C GLY D 40 -13.28 -9.39 2.01
N GLY D 41 -14.51 -9.82 1.71
CA GLY D 41 -15.56 -9.69 2.70
C GLY D 41 -15.51 -10.67 3.87
N ALA D 42 -14.76 -11.75 3.70
CA ALA D 42 -14.91 -12.96 4.51
C ALA D 42 -14.17 -12.91 5.84
N LYS D 43 -13.57 -11.75 6.13
CA LYS D 43 -12.95 -11.49 7.42
C LYS D 43 -13.93 -11.77 8.56
N PRO D 44 -13.54 -12.68 9.47
CA PRO D 44 -14.34 -13.03 10.65
C PRO D 44 -14.56 -11.82 11.55
N PRO D 45 -15.79 -11.63 12.04
CA PRO D 45 -16.02 -10.54 13.00
C PRO D 45 -15.44 -10.88 14.37
N PRO D 46 -15.14 -9.87 15.18
CA PRO D 46 -14.61 -10.12 16.53
C PRO D 46 -15.64 -10.81 17.42
N ARG D 47 -15.19 -11.51 18.44
CA ARG D 47 -16.10 -12.21 19.33
C ARG D 47 -15.70 -11.98 20.79
N GLY D 48 -16.64 -11.45 21.57
CA GLY D 48 -16.40 -11.18 22.97
C GLY D 48 -17.11 -12.18 23.87
N GLY D 49 -16.92 -12.02 25.18
CA GLY D 49 -17.60 -12.85 26.17
C GLY D 49 -17.34 -14.33 25.99
N TYR D 51 -15.75 -16.12 28.25
CA TYR D 51 -15.90 -16.70 29.57
C TYR D 51 -16.61 -15.72 30.48
N ALA D 52 -16.94 -16.16 31.70
CA ALA D 52 -17.28 -15.24 32.76
C ALA D 52 -16.28 -15.47 33.87
N GLY D 53 -15.39 -14.50 34.07
CA GLY D 53 -14.35 -14.61 35.06
C GLY D 53 -14.92 -14.52 36.46
N SER D 54 -14.17 -15.03 37.44
CA SER D 54 -14.64 -15.03 38.82
C SER D 54 -14.12 -13.83 39.59
N GLU D 55 -13.43 -12.91 38.90
CA GLU D 55 -12.92 -11.69 39.53
C GLU D 55 -13.01 -10.48 38.61
N PRO D 56 -13.29 -9.29 39.19
CA PRO D 56 -13.39 -7.98 38.51
C PRO D 56 -12.05 -7.21 38.36
N ILE D 57 -11.24 -7.57 37.37
CA ILE D 57 -9.91 -6.96 37.19
C ILE D 57 -9.68 -5.86 36.15
N ALA D 58 -10.67 -5.51 35.32
CA ALA D 58 -10.35 -4.74 34.12
C ALA D 58 -10.08 -3.26 34.40
N ARG D 59 -10.58 -2.76 35.52
CA ARG D 59 -10.41 -1.35 35.84
C ARG D 59 -9.52 -1.09 37.04
N ARG D 60 -8.61 -0.14 36.87
CA ARG D 60 -7.94 0.50 37.99
C ARG D 60 -8.83 1.68 38.37
N VAL D 61 -9.03 2.57 37.40
CA VAL D 61 -10.03 3.63 37.46
C VAL D 61 -11.39 3.13 37.96
N SER E 19 24.22 -21.10 15.32
CA SER E 19 22.88 -20.96 14.81
C SER E 19 22.24 -19.76 15.40
N HIS E 20 20.98 -19.60 15.11
CA HIS E 20 20.20 -18.57 15.71
C HIS E 20 19.81 -19.07 17.06
N ILE E 22 17.20 -18.41 20.44
CA ILE E 22 16.03 -17.80 21.04
C ILE E 22 16.35 -17.36 22.45
N ILE E 23 16.06 -16.09 22.76
CA ILE E 23 16.49 -15.51 24.03
C ILE E 23 15.31 -15.27 24.96
N ASP E 24 15.50 -15.64 26.23
CA ASP E 24 14.47 -15.53 27.24
C ASP E 24 14.77 -14.37 28.18
N THR E 25 13.72 -13.83 28.77
CA THR E 25 13.78 -12.69 29.68
C THR E 25 14.92 -12.77 30.70
N SER E 26 15.04 -13.92 31.36
CA SER E 26 16.07 -14.13 32.38
C SER E 26 17.47 -13.83 31.85
N ALA E 27 17.78 -14.41 30.69
CA ALA E 27 19.06 -14.24 30.01
C ALA E 27 19.38 -12.78 29.74
N LEU E 28 18.40 -12.05 29.21
CA LEU E 28 18.59 -10.63 28.92
C LEU E 28 18.78 -9.82 30.19
N LEU E 29 18.09 -10.22 31.25
CA LEU E 29 18.31 -9.62 32.56
C LEU E 29 19.77 -9.80 32.97
N ALA E 30 20.31 -11.00 32.80
CA ALA E 30 21.71 -11.25 33.19
C ALA E 30 22.71 -10.54 32.26
N TYR E 31 22.34 -10.37 30.99
CA TYR E 31 23.24 -9.78 29.99
C TYR E 31 23.35 -8.27 30.17
N PHE E 32 22.23 -7.63 30.44
CA PHE E 32 22.20 -6.18 30.57
C PHE E 32 22.68 -5.68 31.92
N ASP E 33 22.57 -6.50 32.96
CA ASP E 33 23.04 -6.13 34.28
C ASP E 33 24.41 -6.75 34.56
N ALA E 34 25.40 -5.89 34.78
CA ALA E 34 26.77 -6.34 35.02
C ALA E 34 26.93 -7.01 36.38
N ALA E 35 26.01 -6.72 37.30
CA ALA E 35 26.11 -7.21 38.67
C ALA E 35 25.40 -8.55 38.87
N GLU E 36 24.66 -8.99 37.86
CA GLU E 36 24.03 -10.30 37.89
C GLU E 36 25.09 -11.39 37.89
N PRO E 37 24.93 -12.39 38.78
CA PRO E 37 25.88 -13.50 38.92
C PRO E 37 26.11 -14.28 37.64
N ASP E 38 25.09 -14.37 36.78
CA ASP E 38 25.20 -15.11 35.52
C ASP E 38 25.61 -14.24 34.34
N HIS E 39 25.93 -12.97 34.61
CA HIS E 39 26.26 -12.02 33.55
C HIS E 39 27.38 -12.50 32.62
N ALA E 40 28.42 -13.10 33.19
CA ALA E 40 29.60 -13.48 32.42
C ALA E 40 29.32 -14.61 31.44
N ALA E 41 28.61 -15.64 31.90
CA ALA E 41 28.29 -16.80 31.08
C ALA E 41 27.35 -16.41 29.94
N VAL E 42 26.27 -15.73 30.29
CA VAL E 42 25.32 -15.21 29.31
C VAL E 42 26.04 -14.33 28.30
N SER E 43 26.88 -13.43 28.78
CA SER E 43 27.66 -12.56 27.91
C SER E 43 28.53 -13.38 26.97
N GLU E 44 29.09 -14.48 27.47
CA GLU E 44 29.91 -15.35 26.63
C GLU E 44 29.05 -16.02 25.56
N CYS E 45 27.80 -16.34 25.89
CA CYS E 45 26.91 -16.92 24.90
C CYS E 45 26.50 -15.91 23.82
N ILE E 46 26.14 -14.69 24.23
CA ILE E 46 25.58 -13.71 23.31
C ILE E 46 26.64 -13.10 22.40
N ASP E 47 27.60 -12.39 22.98
CA ASP E 47 28.80 -12.03 22.25
C ASP E 47 29.40 -13.36 21.81
N SER E 48 29.97 -13.42 20.60
CA SER E 48 30.50 -14.63 19.95
C SER E 48 29.44 -15.44 19.18
N SER E 49 28.19 -14.97 19.20
CA SER E 49 27.08 -15.67 18.52
C SER E 49 27.23 -15.78 16.99
N ALA E 50 27.39 -14.62 16.32
CA ALA E 50 27.56 -14.48 14.87
C ALA E 50 26.25 -14.61 14.07
N ASP E 51 25.18 -15.07 14.73
CA ASP E 51 23.88 -15.21 14.07
C ASP E 51 22.78 -14.47 14.81
N ALA E 52 21.54 -14.64 14.34
CA ALA E 52 20.39 -13.92 14.86
C ALA E 52 20.20 -14.12 16.35
N LEU E 53 20.07 -13.01 17.08
CA LEU E 53 19.72 -13.08 18.48
C LEU E 53 18.24 -12.79 18.57
N VAL E 54 17.44 -13.82 18.83
CA VAL E 54 16.01 -13.69 18.64
C VAL E 54 15.31 -13.32 19.93
N VAL E 55 14.57 -12.21 19.90
CA VAL E 55 13.87 -11.72 21.07
C VAL E 55 12.41 -11.45 20.72
N SER E 56 11.51 -12.17 21.36
CA SER E 56 10.08 -11.98 21.16
C SER E 56 9.62 -10.64 21.73
N PRO E 57 8.55 -10.06 21.16
CA PRO E 57 7.96 -8.83 21.73
C PRO E 57 7.35 -9.07 23.12
N TYR E 58 6.95 -10.31 23.38
CA TYR E 58 6.42 -10.69 24.68
C TYR E 58 7.53 -10.63 25.73
N VAL E 59 8.69 -11.14 25.35
CA VAL E 59 9.89 -11.04 26.17
C VAL E 59 10.26 -9.56 26.40
N VAL E 60 10.12 -8.74 25.37
CA VAL E 60 10.38 -7.31 25.48
C VAL E 60 9.46 -6.66 26.52
N ALA E 61 8.16 -6.98 26.46
CA ALA E 61 7.19 -6.52 27.44
C ALA E 61 7.59 -6.90 28.87
N GLU E 62 7.83 -8.19 29.07
CA GLU E 62 8.23 -8.68 30.39
C GLU E 62 9.48 -7.97 30.90
N LEU E 63 10.49 -7.87 30.04
CA LEU E 63 11.78 -7.27 30.40
C LEU E 63 11.63 -5.80 30.76
N ASP E 64 10.80 -5.10 29.98
CA ASP E 64 10.49 -3.70 30.25
C ASP E 64 9.89 -3.56 31.64
N TYR E 65 8.85 -4.35 31.90
CA TYR E 65 8.19 -4.31 33.20
C TYR E 65 9.19 -4.57 34.33
N LEU E 66 9.97 -5.63 34.19
CA LEU E 66 10.88 -6.04 35.26
C LEU E 66 12.01 -5.06 35.53
N VAL E 67 12.60 -4.50 34.48
CA VAL E 67 13.71 -3.55 34.67
C VAL E 67 13.19 -2.22 35.21
N ALA E 68 12.07 -1.75 34.67
CA ALA E 68 11.46 -0.52 35.19
C ALA E 68 11.10 -0.68 36.67
N THR E 69 10.46 -1.79 37.01
CA THR E 69 10.01 -2.04 38.37
C THR E 69 11.16 -2.26 39.35
N ARG E 70 12.06 -3.19 39.03
CA ARG E 70 13.08 -3.62 39.98
C ARG E 70 14.43 -2.89 39.92
N VAL E 71 14.70 -2.14 38.86
CA VAL E 71 15.98 -1.43 38.76
C VAL E 71 15.76 0.07 38.72
N GLY E 72 15.09 0.53 37.66
CA GLY E 72 14.74 1.93 37.53
C GLY E 72 14.39 2.28 36.10
N VAL E 73 13.88 3.49 35.90
CA VAL E 73 13.48 3.95 34.59
C VAL E 73 14.68 4.14 33.66
N ASP E 74 15.80 4.61 34.19
CA ASP E 74 16.98 4.87 33.37
C ASP E 74 17.56 3.58 32.78
N ALA E 75 17.55 2.52 33.59
CA ALA E 75 18.02 1.22 33.14
C ALA E 75 17.04 0.65 32.10
N GLU E 76 15.75 0.81 32.37
CA GLU E 76 14.70 0.41 31.44
C GLU E 76 14.91 1.03 30.07
N LEU E 77 15.14 2.34 30.08
CA LEU E 77 15.36 3.11 28.85
C LEU E 77 16.63 2.67 28.15
N ALA E 78 17.68 2.41 28.94
CA ALA E 78 18.93 1.87 28.38
C ALA E 78 18.67 0.58 27.61
N VAL E 79 17.95 -0.33 28.25
CA VAL E 79 17.61 -1.62 27.66
C VAL E 79 16.77 -1.46 26.39
N LEU E 80 15.78 -0.57 26.42
CA LEU E 80 14.95 -0.34 25.25
C LEU E 80 15.74 0.21 24.06
N ARG E 81 16.59 1.20 24.33
CA ARG E 81 17.41 1.76 23.26
C ARG E 81 18.41 0.75 22.70
N GLU E 82 18.97 -0.09 23.57
CA GLU E 82 19.86 -1.14 23.08
C GLU E 82 19.14 -2.15 22.21
N LEU E 83 17.95 -2.54 22.65
CA LEU E 83 17.12 -3.47 21.90
C LEU E 83 16.75 -2.88 20.55
N ALA E 84 16.72 -1.55 20.48
CA ALA E 84 16.36 -0.87 19.25
C ALA E 84 17.57 -0.59 18.35
N GLY E 85 18.77 -0.81 18.90
CA GLY E 85 20.00 -0.43 18.24
C GLY E 85 20.45 -1.21 17.01
N GLY E 86 19.73 -2.27 16.66
CA GLY E 86 19.99 -3.01 15.44
C GLY E 86 20.67 -4.36 15.61
N ALA E 87 21.14 -4.64 16.81
CA ALA E 87 21.86 -5.86 17.09
C ALA E 87 20.94 -7.07 17.27
N TRP E 88 19.66 -6.81 17.50
CA TRP E 88 18.76 -7.86 17.93
C TRP E 88 17.76 -8.21 16.85
N GLU E 89 17.37 -9.49 16.82
CA GLU E 89 16.35 -9.92 15.90
C GLU E 89 15.05 -9.78 16.65
N LEU E 90 14.27 -8.76 16.28
CA LEU E 90 13.01 -8.53 16.96
C LEU E 90 11.96 -9.22 16.11
N ALA E 91 11.46 -10.34 16.64
CA ALA E 91 10.73 -11.30 15.83
C ALA E 91 9.31 -10.85 15.53
N ASN E 92 8.83 -11.20 14.34
CA ASN E 92 7.45 -10.92 13.96
C ASN E 92 6.53 -11.95 14.59
N CYS E 93 5.64 -11.51 15.46
CA CYS E 93 4.65 -12.43 15.99
C CYS E 93 3.26 -11.99 15.54
N GLY E 94 2.70 -12.74 14.60
CA GLY E 94 1.39 -12.45 14.07
C GLY E 94 0.36 -13.48 14.47
N ALA E 95 -0.69 -13.59 13.67
CA ALA E 95 -1.79 -14.52 13.91
C ALA E 95 -1.35 -15.98 13.91
N ALA E 96 -0.55 -16.37 12.92
CA ALA E 96 -0.12 -17.76 12.80
C ALA E 96 0.72 -18.17 14.01
N GLU E 97 1.55 -17.24 14.47
CA GLU E 97 2.45 -17.50 15.60
C GLU E 97 1.68 -17.65 16.90
N ILE E 98 0.61 -16.87 17.06
CA ILE E 98 -0.24 -16.94 18.26
C ILE E 98 -1.10 -18.20 18.22
N GLU E 99 -1.50 -18.61 17.01
CA GLU E 99 -2.26 -19.84 16.85
C GLU E 99 -1.41 -21.05 17.27
N GLN E 100 -0.22 -21.14 16.70
CA GLN E 100 0.70 -22.21 17.06
C GLN E 100 1.09 -22.16 18.55
N ALA E 101 1.28 -20.95 19.06
CA ALA E 101 1.61 -20.75 20.48
C ALA E 101 0.50 -21.28 21.36
N ALA E 102 -0.73 -21.03 20.97
CA ALA E 102 -1.90 -21.54 21.68
C ALA E 102 -1.90 -23.06 21.65
N ARG E 103 -1.50 -23.61 20.51
CA ARG E 103 -1.38 -25.06 20.40
C ARG E 103 -0.38 -25.61 21.42
N ILE E 104 0.76 -24.91 21.56
CA ILE E 104 1.80 -25.30 22.50
C ILE E 104 1.33 -25.18 23.95
N VAL E 105 0.62 -24.09 24.27
CA VAL E 105 0.08 -23.87 25.60
C VAL E 105 -0.89 -24.99 25.95
N THR E 106 -1.74 -25.37 24.99
CA THR E 106 -2.65 -26.48 25.18
C THR E 106 -1.89 -27.76 25.49
N LYS E 107 -0.87 -28.04 24.69
CA LYS E 107 -0.11 -29.28 24.84
C LYS E 107 0.49 -29.43 26.25
N TYR E 108 0.99 -28.31 26.79
CA TYR E 108 1.58 -28.22 28.13
C TYR E 108 0.64 -27.68 29.24
N GLN E 109 -0.66 -27.69 28.96
CA GLN E 109 -1.70 -27.02 29.76
C GLN E 109 -1.53 -27.09 31.29
N ASP E 110 -1.19 -28.28 31.80
CA ASP E 110 -1.02 -28.46 33.24
C ASP E 110 0.10 -27.60 33.84
N GLN E 111 1.05 -27.20 33.01
CA GLN E 111 2.23 -26.47 33.49
C GLN E 111 2.08 -24.95 33.51
N ARG E 112 1.03 -24.43 32.86
CA ARG E 112 0.75 -23.00 32.86
C ARG E 112 1.96 -22.16 32.42
N ILE E 113 2.49 -22.48 31.24
CA ILE E 113 3.76 -21.94 30.76
C ILE E 113 3.69 -20.50 30.22
N GLY E 114 2.55 -20.12 29.66
CA GLY E 114 2.35 -18.77 29.20
C GLY E 114 2.81 -18.46 27.78
N ILE E 115 2.35 -17.31 27.28
CA ILE E 115 2.55 -16.92 25.89
C ILE E 115 4.03 -16.73 25.55
N ALA E 116 4.83 -16.19 26.46
CA ALA E 116 6.23 -15.91 26.17
C ALA E 116 6.96 -17.19 25.85
N ASP E 117 6.79 -18.18 26.73
CA ASP E 117 7.43 -19.47 26.56
C ASP E 117 6.92 -20.21 25.32
N ALA E 118 5.60 -20.33 25.18
CA ALA E 118 5.05 -21.00 24.00
C ALA E 118 5.55 -20.37 22.70
N ALA E 119 5.48 -19.05 22.65
CA ALA E 119 5.95 -18.27 21.51
C ALA E 119 7.43 -18.51 21.24
N ASN E 120 8.22 -18.69 22.30
CA ASN E 120 9.64 -19.00 22.12
C ASN E 120 9.82 -20.37 21.47
N VAL E 121 8.98 -21.32 21.84
CA VAL E 121 8.99 -22.63 21.15
C VAL E 121 8.72 -22.43 19.65
N VAL E 122 7.63 -21.74 19.35
CA VAL E 122 7.26 -21.46 17.94
C VAL E 122 8.39 -20.77 17.17
N LEU E 123 9.00 -19.75 17.79
CA LEU E 123 10.08 -19.00 17.17
C LEU E 123 11.32 -19.85 16.94
N ALA E 124 11.57 -20.76 17.89
CA ALA E 124 12.60 -21.75 17.71
C ALA E 124 12.33 -22.51 16.41
N ASP E 125 11.07 -22.88 16.17
CA ASP E 125 10.76 -23.56 14.91
C ASP E 125 10.92 -22.64 13.67
N ARG E 126 10.47 -21.39 13.77
CA ARG E 126 10.57 -20.43 12.66
C ARG E 126 12.01 -20.23 12.20
N TYR E 127 12.90 -20.12 13.17
CA TYR E 127 14.30 -19.80 12.91
C TYR E 127 15.16 -21.05 12.76
N ARG E 128 14.50 -22.21 12.72
CA ARG E 128 15.16 -23.49 12.48
C ARG E 128 16.31 -23.73 13.44
N THR E 129 16.03 -23.57 14.73
CA THR E 129 17.04 -23.77 15.77
C THR E 129 16.44 -24.40 17.01
N ARG E 130 17.20 -25.28 17.63
CA ARG E 130 16.81 -25.83 18.92
C ARG E 130 17.55 -25.14 20.08
N THR E 131 18.36 -24.14 19.76
CA THR E 131 19.18 -23.46 20.77
C THR E 131 18.41 -22.37 21.52
N ILE E 132 18.27 -22.56 22.82
CA ILE E 132 17.55 -21.60 23.66
C ILE E 132 18.47 -20.98 24.71
N LEU E 133 18.42 -19.66 24.85
CA LEU E 133 19.20 -18.99 25.87
C LEU E 133 18.30 -18.55 27.02
N THR E 134 18.42 -19.23 28.15
CA THR E 134 17.61 -18.90 29.32
C THR E 134 18.29 -19.33 30.62
N LEU E 135 17.94 -18.66 31.72
CA LEU E 135 18.40 -19.10 33.03
C LEU E 135 17.41 -20.02 33.72
N ASP E 136 16.19 -20.12 33.21
CA ASP E 136 15.29 -21.10 33.77
C ASP E 136 15.40 -22.27 32.84
N ARG E 137 16.23 -23.20 33.27
CA ARG E 137 16.62 -24.32 32.45
C ARG E 137 15.58 -25.40 32.52
N ARG E 138 15.18 -25.68 33.75
CA ARG E 138 14.27 -26.75 34.05
C ARG E 138 12.91 -26.50 33.41
N HIS E 139 12.55 -25.22 33.28
CA HIS E 139 11.27 -24.87 32.68
C HIS E 139 11.21 -25.30 31.21
N PHE E 140 12.20 -24.91 30.41
CA PHE E 140 12.17 -25.24 28.98
C PHE E 140 12.75 -26.59 28.63
N SER E 141 13.48 -27.21 29.56
CA SER E 141 13.94 -28.57 29.36
C SER E 141 12.74 -29.49 29.29
N ALA E 142 11.66 -29.12 29.98
CA ALA E 142 10.46 -29.93 30.00
C ALA E 142 9.73 -29.86 28.65
N LEU E 143 9.91 -28.76 27.94
CA LEU E 143 9.30 -28.56 26.62
C LEU E 143 10.08 -29.26 25.51
N ARG E 144 9.39 -29.55 24.42
CA ARG E 144 10.01 -30.21 23.26
C ARG E 144 9.90 -29.35 22.00
N PRO E 145 10.95 -29.38 21.17
CA PRO E 145 10.88 -28.67 19.88
C PRO E 145 9.80 -29.24 18.97
N ILE E 146 9.15 -28.37 18.19
CA ILE E 146 8.02 -28.74 17.35
C ILE E 146 8.33 -29.91 16.42
N GLY E 147 9.50 -29.87 15.79
CA GLY E 147 9.88 -30.86 14.80
C GLY E 147 10.63 -32.05 15.36
N GLY E 148 10.53 -32.27 16.66
CA GLY E 148 11.20 -33.38 17.31
C GLY E 148 12.54 -32.98 17.91
N GLY E 149 13.24 -33.95 18.48
CA GLY E 149 14.53 -33.69 19.09
C GLY E 149 14.38 -33.09 20.47
N ARG E 150 15.46 -32.53 20.99
CA ARG E 150 15.44 -31.86 22.29
C ARG E 150 15.99 -30.44 22.14
N PHE E 151 15.66 -29.56 23.07
CA PHE E 151 16.21 -28.22 23.06
C PHE E 151 17.62 -28.23 23.63
N THR E 152 18.47 -27.36 23.10
CA THR E 152 19.77 -27.13 23.71
C THR E 152 19.68 -25.84 24.51
N VAL E 153 19.70 -25.96 25.84
CA VAL E 153 19.55 -24.79 26.70
C VAL E 153 20.91 -24.34 27.20
N ILE E 154 21.24 -23.07 26.92
CA ILE E 154 22.53 -22.50 27.32
C ILE E 154 22.29 -21.25 28.17
N PRO E 155 23.29 -20.85 28.98
CA PRO E 155 24.61 -21.43 29.20
C PRO E 155 24.57 -22.65 30.14
N SER F 19 -8.40 14.41 1.96
CA SER F 19 -7.10 14.08 1.42
C SER F 19 -7.08 14.01 -0.10
N HIS F 20 -8.22 14.23 -0.74
CA HIS F 20 -8.25 14.18 -2.20
C HIS F 20 -9.25 15.03 -2.92
N ILE F 22 -10.74 15.74 -6.90
CA ILE F 22 -10.85 15.40 -8.32
C ILE F 22 -11.02 16.67 -9.17
N ILE F 23 -10.21 16.80 -10.22
CA ILE F 23 -10.10 18.06 -10.96
C ILE F 23 -10.58 18.00 -12.41
N ASP F 24 -11.64 18.73 -12.70
CA ASP F 24 -12.14 18.86 -14.08
C ASP F 24 -11.35 19.85 -14.94
N THR F 25 -11.47 19.69 -16.26
CA THR F 25 -10.83 20.54 -17.26
C THR F 25 -11.06 22.04 -17.07
N SER F 26 -12.31 22.42 -16.76
CA SER F 26 -12.68 23.82 -16.57
C SER F 26 -11.79 24.53 -15.54
N ALA F 27 -11.67 23.91 -14.37
CA ALA F 27 -10.85 24.44 -13.28
C ALA F 27 -9.39 24.57 -13.64
N LEU F 28 -8.86 23.66 -14.44
CA LEU F 28 -7.46 23.75 -14.85
C LEU F 28 -7.26 24.87 -15.85
N LEU F 29 -8.24 25.02 -16.75
CA LEU F 29 -8.26 26.16 -17.65
C LEU F 29 -8.23 27.46 -16.84
N ALA F 30 -9.03 27.53 -15.78
CA ALA F 30 -9.07 28.74 -14.95
C ALA F 30 -7.77 28.95 -14.17
N TYR F 31 -7.18 27.86 -13.69
CA TYR F 31 -6.00 27.91 -12.82
C TYR F 31 -4.75 28.30 -13.59
N PHE F 32 -4.57 27.72 -14.78
CA PHE F 32 -3.36 27.98 -15.57
C PHE F 32 -3.37 29.35 -16.25
N ASP F 33 -4.54 29.96 -16.36
CA ASP F 33 -4.68 31.23 -17.08
C ASP F 33 -5.04 32.36 -16.11
N ALA F 34 -4.13 33.31 -15.94
CA ALA F 34 -4.34 34.45 -15.05
C ALA F 34 -5.51 35.32 -15.50
N ALA F 35 -5.74 35.37 -16.81
CA ALA F 35 -6.75 36.26 -17.37
C ALA F 35 -8.17 35.79 -17.11
N GLU F 36 -8.35 34.49 -16.95
CA GLU F 36 -9.66 33.91 -16.65
C GLU F 36 -10.27 34.51 -15.39
N PRO F 37 -11.55 34.89 -15.45
CA PRO F 37 -12.28 35.51 -14.34
C PRO F 37 -12.22 34.69 -13.05
N ASP F 38 -12.18 33.37 -13.17
CA ASP F 38 -12.23 32.47 -12.02
C ASP F 38 -10.86 32.10 -11.46
N HIS F 39 -9.79 32.59 -12.08
CA HIS F 39 -8.42 32.18 -11.75
C HIS F 39 -8.11 32.25 -10.25
N ALA F 40 -8.50 33.34 -9.60
CA ALA F 40 -8.22 33.55 -8.19
C ALA F 40 -8.91 32.52 -7.28
N ALA F 41 -10.21 32.40 -7.45
CA ALA F 41 -11.04 31.49 -6.66
C ALA F 41 -10.54 30.06 -6.74
N VAL F 42 -10.06 29.67 -7.91
CA VAL F 42 -9.55 28.32 -8.12
C VAL F 42 -8.15 28.19 -7.51
N SER F 43 -7.33 29.22 -7.68
CA SER F 43 -6.00 29.27 -7.11
C SER F 43 -6.02 29.06 -5.59
N GLU F 44 -6.96 29.71 -4.90
CA GLU F 44 -7.08 29.57 -3.45
C GLU F 44 -7.49 28.16 -3.02
N CYS F 45 -8.17 27.44 -3.90
CA CYS F 45 -8.54 26.06 -3.62
C CYS F 45 -7.35 25.12 -3.82
N ILE F 46 -6.63 25.29 -4.92
CA ILE F 46 -5.52 24.38 -5.22
C ILE F 46 -4.34 24.66 -4.31
N ASP F 47 -3.77 25.85 -4.41
CA ASP F 47 -2.77 26.28 -3.45
C ASP F 47 -3.51 26.38 -2.10
N SER F 48 -2.88 25.88 -1.04
CA SER F 48 -3.51 25.64 0.26
C SER F 48 -4.58 24.54 0.24
N SER F 49 -4.25 23.41 -0.39
CA SER F 49 -5.15 22.25 -0.43
C SER F 49 -4.79 21.24 0.65
N ALA F 50 -3.57 20.72 0.51
CA ALA F 50 -3.05 19.58 1.26
C ALA F 50 -3.70 18.28 0.82
N ASP F 51 -4.78 18.37 0.05
CA ASP F 51 -5.30 17.19 -0.60
C ASP F 51 -4.36 16.92 -1.79
N ALA F 52 -4.30 15.67 -2.23
CA ALA F 52 -3.56 15.36 -3.45
C ALA F 52 -4.41 15.83 -4.62
N LEU F 53 -3.78 16.18 -5.73
CA LEU F 53 -4.51 16.75 -6.85
C LEU F 53 -4.71 15.71 -7.95
N VAL F 54 -5.94 15.24 -8.12
CA VAL F 54 -6.20 14.15 -9.07
C VAL F 54 -6.67 14.65 -10.42
N VAL F 55 -5.90 14.33 -11.47
CA VAL F 55 -6.23 14.72 -12.82
C VAL F 55 -6.31 13.48 -13.72
N SER F 56 -7.47 13.28 -14.34
CA SER F 56 -7.66 12.17 -15.28
C SER F 56 -6.87 12.43 -16.56
N PRO F 57 -6.44 11.34 -17.24
CA PRO F 57 -5.75 11.52 -18.52
C PRO F 57 -6.71 12.04 -19.60
N TYR F 58 -7.99 11.76 -19.42
CA TYR F 58 -9.03 12.27 -20.31
C TYR F 58 -9.09 13.80 -20.21
N VAL F 59 -8.97 14.30 -18.98
CA VAL F 59 -8.91 15.74 -18.74
C VAL F 59 -7.63 16.35 -19.33
N VAL F 60 -6.53 15.62 -19.23
CA VAL F 60 -5.28 16.03 -19.84
C VAL F 60 -5.46 16.19 -21.35
N ALA F 61 -6.13 15.22 -21.96
CA ALA F 61 -6.45 15.27 -23.39
C ALA F 61 -7.25 16.53 -23.75
N GLU F 62 -8.38 16.70 -23.08
CA GLU F 62 -9.23 17.87 -23.31
C GLU F 62 -8.47 19.19 -23.14
N LEU F 63 -7.81 19.36 -21.99
CA LEU F 63 -6.99 20.53 -21.70
C LEU F 63 -5.96 20.81 -22.79
N ASP F 64 -5.28 19.75 -23.22
CA ASP F 64 -4.28 19.86 -24.27
C ASP F 64 -4.92 20.47 -25.50
N TYR F 65 -5.98 19.83 -25.99
CA TYR F 65 -6.64 20.31 -27.20
C TYR F 65 -7.08 21.78 -27.07
N LEU F 66 -7.76 22.09 -25.97
CA LEU F 66 -8.34 23.42 -25.75
C LEU F 66 -7.30 24.53 -25.64
N VAL F 67 -6.32 24.36 -24.76
CA VAL F 67 -5.27 25.35 -24.60
C VAL F 67 -4.52 25.53 -25.91
N ALA F 68 -4.23 24.41 -26.56
CA ALA F 68 -3.56 24.44 -27.86
C ALA F 68 -4.30 25.30 -28.88
N THR F 69 -5.58 25.01 -29.10
CA THR F 69 -6.32 25.70 -30.15
C THR F 69 -6.76 27.13 -29.80
N ARG F 70 -7.07 27.38 -28.53
CA ARG F 70 -7.57 28.70 -28.11
C ARG F 70 -6.51 29.69 -27.60
N VAL F 71 -5.31 29.19 -27.35
CA VAL F 71 -4.26 29.98 -26.70
C VAL F 71 -3.01 29.87 -27.58
N GLY F 72 -2.65 28.63 -27.89
CA GLY F 72 -1.51 28.31 -28.74
C GLY F 72 -0.37 27.53 -28.10
N VAL F 73 0.53 27.04 -28.96
CA VAL F 73 1.43 25.94 -28.60
C VAL F 73 2.31 26.22 -27.38
N ASP F 74 2.81 27.45 -27.26
CA ASP F 74 3.65 27.82 -26.13
C ASP F 74 2.95 27.46 -24.81
N ALA F 75 1.70 27.86 -24.69
CA ALA F 75 0.89 27.57 -23.51
C ALA F 75 0.64 26.08 -23.33
N GLU F 76 0.35 25.38 -24.44
CA GLU F 76 0.17 23.94 -24.44
C GLU F 76 1.36 23.25 -23.76
N LEU F 77 2.55 23.60 -24.24
CA LEU F 77 3.80 23.09 -23.70
C LEU F 77 3.96 23.42 -22.22
N ALA F 78 3.71 24.68 -21.87
CA ALA F 78 3.77 25.10 -20.47
C ALA F 78 2.92 24.16 -19.60
N VAL F 79 1.66 24.00 -20.00
CA VAL F 79 0.70 23.18 -19.29
C VAL F 79 1.17 21.73 -19.14
N LEU F 80 1.60 21.10 -20.25
CA LEU F 80 2.07 19.72 -20.21
C LEU F 80 3.25 19.55 -19.25
N ARG F 81 4.19 20.48 -19.32
CA ARG F 81 5.38 20.41 -18.48
C ARG F 81 5.06 20.58 -16.99
N GLU F 82 4.13 21.48 -16.68
CA GLU F 82 3.65 21.59 -15.30
C GLU F 82 2.97 20.32 -14.83
N LEU F 83 2.16 19.72 -15.70
CA LEU F 83 1.47 18.49 -15.36
C LEU F 83 2.44 17.35 -15.09
N ALA F 84 3.55 17.30 -15.83
CA ALA F 84 4.53 16.24 -15.67
C ALA F 84 5.57 16.61 -14.60
N GLY F 85 5.45 17.81 -14.07
CA GLY F 85 6.37 18.33 -13.08
C GLY F 85 6.43 17.64 -11.72
N GLY F 86 5.44 16.81 -11.42
CA GLY F 86 5.44 16.03 -10.19
C GLY F 86 4.48 16.48 -9.10
N ALA F 87 3.84 17.63 -9.30
CA ALA F 87 2.92 18.17 -8.30
C ALA F 87 1.55 17.53 -8.39
N TRP F 88 1.31 16.83 -9.50
CA TRP F 88 0.00 16.31 -9.81
C TRP F 88 -0.05 14.80 -9.73
N GLU F 89 -1.19 14.29 -9.27
CA GLU F 89 -1.44 12.86 -9.30
C GLU F 89 -2.11 12.57 -10.62
N LEU F 90 -1.37 11.93 -11.52
CA LEU F 90 -1.90 11.66 -12.83
C LEU F 90 -2.51 10.28 -12.82
N ALA F 91 -3.83 10.23 -12.88
CA ALA F 91 -4.55 9.00 -12.60
C ALA F 91 -4.41 8.05 -13.75
N ASN F 92 -4.57 6.77 -13.46
CA ASN F 92 -4.62 5.75 -14.50
C ASN F 92 -6.05 5.33 -14.72
N CYS F 93 -6.45 5.20 -15.97
CA CYS F 93 -7.76 4.63 -16.25
C CYS F 93 -7.56 3.35 -17.06
N GLY F 94 -7.80 2.22 -16.41
CA GLY F 94 -7.62 0.92 -17.03
C GLY F 94 -8.95 0.27 -17.33
N ALA F 95 -8.92 -1.03 -17.58
CA ALA F 95 -10.11 -1.79 -17.95
C ALA F 95 -11.24 -1.66 -16.94
N ALA F 96 -10.91 -1.82 -15.67
CA ALA F 96 -11.91 -1.71 -14.60
C ALA F 96 -12.54 -0.32 -14.56
N GLU F 97 -11.68 0.70 -14.64
CA GLU F 97 -12.11 2.09 -14.62
C GLU F 97 -13.04 2.42 -15.79
N ILE F 98 -12.71 1.92 -16.99
CA ILE F 98 -13.52 2.20 -18.18
C ILE F 98 -14.84 1.43 -18.13
N GLU F 99 -14.79 0.20 -17.63
CA GLU F 99 -16.01 -0.59 -17.44
C GLU F 99 -16.98 0.17 -16.53
N GLN F 100 -16.49 0.57 -15.36
CA GLN F 100 -17.33 1.28 -14.40
C GLN F 100 -17.80 2.62 -14.96
N ALA F 101 -16.92 3.31 -15.66
CA ALA F 101 -17.24 4.59 -16.28
C ALA F 101 -18.37 4.42 -17.27
N ALA F 102 -18.32 3.32 -18.01
CA ALA F 102 -19.35 2.98 -18.97
C ALA F 102 -20.67 2.77 -18.25
N ARG F 103 -20.62 2.13 -17.10
CA ARG F 103 -21.84 1.99 -16.29
C ARG F 103 -22.39 3.35 -15.84
N ILE F 104 -21.51 4.29 -15.50
CA ILE F 104 -21.95 5.63 -15.08
C ILE F 104 -22.56 6.42 -16.24
N VAL F 105 -21.93 6.35 -17.41
CA VAL F 105 -22.48 6.95 -18.62
C VAL F 105 -23.86 6.37 -18.91
N THR F 106 -23.97 5.05 -18.77
CA THR F 106 -25.22 4.32 -19.00
C THR F 106 -26.34 4.80 -18.08
N LYS F 107 -26.00 4.98 -16.80
CA LYS F 107 -26.96 5.42 -15.80
C LYS F 107 -27.52 6.81 -16.14
N TYR F 108 -26.63 7.69 -16.59
CA TYR F 108 -26.96 9.07 -16.98
C TYR F 108 -27.14 9.35 -18.48
N GLN F 109 -27.20 8.31 -19.31
CA GLN F 109 -27.06 8.43 -20.78
C GLN F 109 -27.84 9.55 -21.46
N ASP F 110 -29.02 9.91 -20.96
CA ASP F 110 -29.78 11.01 -21.56
C ASP F 110 -29.05 12.35 -21.44
N GLN F 111 -28.19 12.47 -20.45
CA GLN F 111 -27.48 13.71 -20.20
C GLN F 111 -26.20 13.80 -21.02
N ARG F 112 -25.86 12.70 -21.70
CA ARG F 112 -24.72 12.65 -22.62
C ARG F 112 -23.44 13.19 -21.96
N ILE F 113 -23.16 12.71 -20.75
CA ILE F 113 -22.15 13.31 -19.89
C ILE F 113 -20.70 13.09 -20.31
N GLY F 114 -20.46 12.07 -21.13
CA GLY F 114 -19.13 11.80 -21.63
C GLY F 114 -18.18 11.14 -20.63
N ILE F 115 -17.10 10.61 -21.19
CA ILE F 115 -16.18 9.78 -20.43
C ILE F 115 -15.32 10.57 -19.45
N ALA F 116 -15.13 11.86 -19.68
CA ALA F 116 -14.33 12.66 -18.76
C ALA F 116 -15.05 12.76 -17.43
N ASP F 117 -16.31 13.19 -17.49
CA ASP F 117 -17.15 13.28 -16.30
C ASP F 117 -17.36 11.92 -15.64
N ALA F 118 -17.74 10.93 -16.43
CA ALA F 118 -17.92 9.57 -15.91
C ALA F 118 -16.68 9.09 -15.15
N ALA F 119 -15.53 9.23 -15.80
CA ALA F 119 -14.26 8.82 -15.20
C ALA F 119 -13.95 9.61 -13.95
N ASN F 120 -14.40 10.86 -13.90
CA ASN F 120 -14.21 11.64 -12.68
C ASN F 120 -15.04 11.09 -11.52
N VAL F 121 -16.26 10.64 -11.82
CA VAL F 121 -17.06 9.96 -10.79
C VAL F 121 -16.30 8.73 -10.26
N VAL F 122 -15.87 7.88 -11.20
CA VAL F 122 -15.13 6.67 -10.86
C VAL F 122 -13.89 6.96 -10.01
N LEU F 123 -13.12 7.97 -10.42
CA LEU F 123 -11.89 8.35 -9.72
C LEU F 123 -12.20 8.93 -8.35
N ALA F 124 -13.37 9.54 -8.24
CA ALA F 124 -13.84 10.00 -6.96
C ALA F 124 -13.98 8.81 -6.01
N ASP F 125 -14.52 7.70 -6.51
CA ASP F 125 -14.61 6.52 -5.64
C ASP F 125 -13.25 5.84 -5.40
N ARG F 126 -12.42 5.77 -6.45
CA ARG F 126 -11.10 5.17 -6.34
C ARG F 126 -10.26 5.83 -5.25
N TYR F 127 -10.34 7.16 -5.20
CA TYR F 127 -9.54 7.93 -4.25
C TYR F 127 -10.32 8.22 -2.97
N ARG F 128 -11.51 7.64 -2.86
CA ARG F 128 -12.31 7.71 -1.64
C ARG F 128 -12.62 9.13 -1.23
N THR F 129 -12.96 9.96 -2.22
CA THR F 129 -13.30 11.35 -2.00
C THR F 129 -14.61 11.75 -2.68
N ARG F 130 -15.34 12.64 -2.03
CA ARG F 130 -16.52 13.25 -2.64
C ARG F 130 -16.23 14.66 -3.18
N THR F 131 -14.99 15.13 -3.07
CA THR F 131 -14.66 16.52 -3.41
C THR F 131 -14.27 16.73 -4.89
N ILE F 132 -15.06 17.53 -5.60
CA ILE F 132 -14.84 17.78 -7.03
C ILE F 132 -14.50 19.23 -7.31
N LEU F 133 -13.44 19.46 -8.08
CA LEU F 133 -13.09 20.83 -8.46
C LEU F 133 -13.51 21.08 -9.90
N THR F 134 -14.59 21.85 -10.07
CA THR F 134 -15.07 22.20 -11.40
C THR F 134 -15.92 23.47 -11.40
N LEU F 135 -15.97 24.14 -12.54
CA LEU F 135 -16.85 25.28 -12.72
C LEU F 135 -18.17 24.89 -13.35
N ASP F 136 -18.30 23.64 -13.78
CA ASP F 136 -19.60 23.21 -14.26
C ASP F 136 -20.18 22.55 -13.04
N ARG F 137 -20.93 23.33 -12.29
CA ARG F 137 -21.42 22.86 -11.01
C ARG F 137 -22.73 22.14 -11.15
N ARG F 138 -23.62 22.73 -11.94
CA ARG F 138 -24.97 22.21 -12.10
C ARG F 138 -24.94 20.88 -12.80
N HIS F 139 -24.11 20.78 -13.82
CA HIS F 139 -23.91 19.51 -14.53
C HIS F 139 -23.52 18.40 -13.56
N PHE F 140 -22.45 18.63 -12.80
CA PHE F 140 -21.87 17.60 -11.94
C PHE F 140 -22.75 17.31 -10.72
N SER F 141 -23.55 18.30 -10.31
CA SER F 141 -24.37 18.14 -9.12
C SER F 141 -25.53 17.18 -9.37
N ALA F 142 -25.83 16.92 -10.64
CA ALA F 142 -26.88 15.97 -10.99
C ALA F 142 -26.36 14.54 -10.90
N LEU F 143 -25.04 14.40 -10.93
CA LEU F 143 -24.40 13.11 -10.76
C LEU F 143 -24.33 12.74 -9.27
N ARG F 144 -24.28 11.46 -8.96
CA ARG F 144 -24.17 11.00 -7.58
C ARG F 144 -22.91 10.16 -7.39
N PRO F 145 -22.28 10.29 -6.21
CA PRO F 145 -21.12 9.45 -5.90
C PRO F 145 -21.51 7.98 -5.85
N ILE F 146 -20.60 7.10 -6.23
CA ILE F 146 -20.87 5.66 -6.30
C ILE F 146 -21.17 5.10 -4.90
N GLY F 147 -20.55 5.70 -3.88
CA GLY F 147 -20.75 5.25 -2.52
C GLY F 147 -21.97 5.88 -1.85
N GLY F 148 -22.71 6.68 -2.61
CA GLY F 148 -23.87 7.37 -2.09
C GLY F 148 -23.46 8.71 -1.51
N GLY F 149 -24.45 9.48 -1.05
CA GLY F 149 -24.18 10.81 -0.52
C GLY F 149 -24.27 11.84 -1.63
N ARG F 150 -23.57 12.96 -1.45
CA ARG F 150 -23.56 14.00 -2.48
C ARG F 150 -22.14 14.45 -2.77
N PHE F 151 -21.88 14.82 -4.01
CA PHE F 151 -20.58 15.38 -4.36
C PHE F 151 -20.42 16.76 -3.73
N THR F 152 -19.19 17.09 -3.39
CA THR F 152 -18.90 18.43 -2.91
C THR F 152 -18.13 19.18 -3.99
N VAL F 153 -18.79 20.15 -4.62
CA VAL F 153 -18.20 20.89 -5.72
C VAL F 153 -17.55 22.18 -5.22
N ILE F 154 -16.29 22.39 -5.59
CA ILE F 154 -15.59 23.63 -5.28
C ILE F 154 -15.00 24.25 -6.55
N PRO F 155 -14.92 25.59 -6.61
CA PRO F 155 -15.33 26.53 -5.55
C PRO F 155 -16.84 26.73 -5.47
N SER G 19 5.97 -8.43 -31.94
CA SER G 19 5.27 -7.32 -32.57
C SER G 19 4.27 -6.64 -31.63
N HIS G 20 3.89 -5.43 -31.94
CA HIS G 20 3.01 -4.69 -31.08
C HIS G 20 2.65 -3.59 -31.96
N ILE G 22 0.80 0.41 -32.07
CA ILE G 22 0.20 1.58 -31.47
C ILE G 22 -1.00 1.95 -32.32
N ILE G 23 -2.11 2.24 -31.67
CA ILE G 23 -3.36 2.45 -32.39
C ILE G 23 -3.88 3.88 -32.23
N ASP G 24 -4.38 4.42 -33.33
CA ASP G 24 -4.82 5.81 -33.41
C ASP G 24 -6.35 5.88 -33.53
N THR G 25 -6.90 7.02 -33.12
CA THR G 25 -8.34 7.25 -33.11
C THR G 25 -9.02 6.88 -34.44
N SER G 26 -8.43 7.28 -35.57
CA SER G 26 -9.02 7.00 -36.88
C SER G 26 -9.21 5.50 -37.13
N ALA G 27 -8.16 4.73 -36.88
CA ALA G 27 -8.20 3.28 -37.01
C ALA G 27 -9.32 2.66 -36.18
N LEU G 28 -9.47 3.11 -34.94
CA LEU G 28 -10.50 2.57 -34.05
C LEU G 28 -11.90 2.96 -34.52
N LEU G 29 -12.04 4.19 -34.99
CA LEU G 29 -13.27 4.63 -35.62
C LEU G 29 -13.64 3.71 -36.77
N ALA G 30 -12.65 3.32 -37.56
CA ALA G 30 -12.91 2.42 -38.68
C ALA G 30 -13.23 0.99 -38.20
N TYR G 31 -12.54 0.54 -37.15
CA TYR G 31 -12.67 -0.82 -36.66
C TYR G 31 -14.02 -1.07 -36.01
N PHE G 32 -14.52 -0.11 -35.24
CA PHE G 32 -15.78 -0.28 -34.51
C PHE G 32 -17.01 -0.02 -35.37
N ASP G 33 -16.84 0.70 -36.47
CA ASP G 33 -17.96 1.05 -37.35
C ASP G 33 -17.87 0.25 -38.65
N ALA G 34 -18.81 -0.69 -38.82
CA ALA G 34 -18.82 -1.59 -39.96
C ALA G 34 -19.20 -0.88 -41.26
N ALA G 35 -19.75 0.33 -41.14
CA ALA G 35 -20.18 1.08 -42.32
C ALA G 35 -19.05 1.94 -42.88
N GLU G 36 -17.98 2.09 -42.12
CA GLU G 36 -16.84 2.87 -42.56
C GLU G 36 -16.09 2.14 -43.66
N PRO G 37 -15.77 2.85 -44.76
CA PRO G 37 -15.10 2.25 -45.92
C PRO G 37 -13.80 1.50 -45.60
N ASP G 38 -13.13 1.90 -44.53
CA ASP G 38 -11.86 1.30 -44.14
C ASP G 38 -12.01 0.12 -43.19
N HIS G 39 -13.24 -0.26 -42.88
CA HIS G 39 -13.49 -1.25 -41.85
C HIS G 39 -12.79 -2.57 -42.12
N ALA G 40 -12.87 -3.02 -43.37
CA ALA G 40 -12.30 -4.31 -43.78
C ALA G 40 -10.78 -4.36 -43.62
N ALA G 41 -10.08 -3.34 -44.10
CA ALA G 41 -8.63 -3.28 -44.02
C ALA G 41 -8.12 -3.25 -42.57
N VAL G 42 -8.60 -2.28 -41.81
CA VAL G 42 -8.22 -2.12 -40.40
C VAL G 42 -8.56 -3.39 -39.61
N SER G 43 -9.74 -3.95 -39.86
CA SER G 43 -10.14 -5.20 -39.23
C SER G 43 -9.18 -6.32 -39.56
N GLU G 44 -8.69 -6.33 -40.80
CA GLU G 44 -7.71 -7.32 -41.22
C GLU G 44 -6.41 -7.17 -40.44
N CYS G 45 -6.00 -5.92 -40.22
CA CYS G 45 -4.79 -5.67 -39.44
C CYS G 45 -4.95 -6.08 -37.96
N ILE G 46 -6.05 -5.68 -37.33
CA ILE G 46 -6.25 -5.93 -35.90
C ILE G 46 -6.58 -7.39 -35.57
N ASP G 47 -7.57 -7.95 -36.27
CA ASP G 47 -8.01 -9.33 -36.02
C ASP G 47 -6.89 -10.33 -36.21
N SER G 48 -5.89 -9.96 -37.01
CA SER G 48 -4.79 -10.87 -37.35
C SER G 48 -3.51 -10.66 -36.53
N SER G 49 -3.51 -9.72 -35.59
CA SER G 49 -2.36 -9.56 -34.69
C SER G 49 -2.32 -10.65 -33.63
N ALA G 50 -1.13 -11.06 -33.23
CA ALA G 50 -0.99 -11.95 -32.08
C ALA G 50 -0.60 -11.22 -30.80
N ASP G 51 -0.29 -9.93 -30.91
CA ASP G 51 0.33 -9.22 -29.80
C ASP G 51 -0.37 -7.92 -29.44
N ALA G 52 0.21 -7.20 -28.48
CA ALA G 52 -0.45 -6.07 -27.81
C ALA G 52 -1.07 -5.05 -28.76
N LEU G 53 -2.33 -4.74 -28.53
CA LEU G 53 -3.02 -3.69 -29.26
C LEU G 53 -3.03 -2.49 -28.33
N VAL G 54 -2.20 -1.50 -28.63
CA VAL G 54 -1.91 -0.44 -27.67
C VAL G 54 -2.74 0.80 -27.92
N VAL G 55 -3.53 1.18 -26.92
CA VAL G 55 -4.41 2.35 -27.02
C VAL G 55 -4.18 3.30 -25.84
N SER G 56 -3.71 4.51 -26.12
CA SER G 56 -3.47 5.50 -25.08
C SER G 56 -4.81 6.03 -24.56
N PRO G 57 -4.84 6.53 -23.31
CA PRO G 57 -6.09 7.07 -22.80
C PRO G 57 -6.51 8.35 -23.50
N TYR G 58 -5.54 9.04 -24.09
CA TYR G 58 -5.81 10.26 -24.85
C TYR G 58 -6.61 9.93 -26.11
N VAL G 59 -6.18 8.86 -26.80
CA VAL G 59 -6.91 8.33 -27.95
C VAL G 59 -8.31 7.88 -27.55
N VAL G 60 -8.42 7.31 -26.35
CA VAL G 60 -9.71 6.94 -25.80
C VAL G 60 -10.60 8.15 -25.60
N ALA G 61 -10.03 9.25 -25.11
CA ALA G 61 -10.79 10.47 -24.90
C ALA G 61 -11.33 10.98 -26.24
N GLU G 62 -10.41 11.14 -27.20
CA GLU G 62 -10.79 11.57 -28.54
C GLU G 62 -11.90 10.69 -29.13
N LEU G 63 -11.68 9.38 -29.12
CA LEU G 63 -12.61 8.40 -29.68
C LEU G 63 -13.99 8.53 -29.04
N ASP G 64 -14.00 8.62 -27.71
CA ASP G 64 -15.22 8.79 -26.94
C ASP G 64 -15.99 10.00 -27.44
N TYR G 65 -15.29 11.13 -27.56
CA TYR G 65 -15.96 12.36 -27.96
C TYR G 65 -16.55 12.24 -29.36
N LEU G 66 -15.74 11.77 -30.30
CA LEU G 66 -16.17 11.66 -31.70
C LEU G 66 -17.36 10.72 -31.88
N VAL G 67 -17.32 9.57 -31.24
CA VAL G 67 -18.42 8.61 -31.36
C VAL G 67 -19.68 9.12 -30.67
N ALA G 68 -19.52 9.71 -29.50
CA ALA G 68 -20.66 10.21 -28.74
C ALA G 68 -21.38 11.32 -29.51
N THR G 69 -20.61 12.25 -30.07
CA THR G 69 -21.21 13.38 -30.76
C THR G 69 -21.67 13.05 -32.20
N ARG G 70 -20.93 12.20 -32.90
CA ARG G 70 -21.25 11.94 -34.32
C ARG G 70 -22.05 10.68 -34.66
N VAL G 71 -22.28 9.81 -33.68
CA VAL G 71 -23.05 8.59 -33.93
C VAL G 71 -24.19 8.51 -32.93
N GLY G 72 -23.82 8.43 -31.65
CA GLY G 72 -24.78 8.41 -30.57
C GLY G 72 -24.16 7.84 -29.31
N VAL G 73 -24.90 7.91 -28.21
CA VAL G 73 -24.42 7.43 -26.92
C VAL G 73 -24.46 5.89 -26.87
N ASP G 74 -25.36 5.27 -27.64
CA ASP G 74 -25.39 3.82 -27.71
C ASP G 74 -24.07 3.30 -28.27
N ALA G 75 -23.62 3.90 -29.38
CA ALA G 75 -22.35 3.52 -30.00
C ALA G 75 -21.18 3.80 -29.07
N GLU G 76 -21.23 4.95 -28.41
CA GLU G 76 -20.22 5.34 -27.43
C GLU G 76 -20.07 4.27 -26.37
N LEU G 77 -21.20 3.82 -25.84
CA LEU G 77 -21.24 2.79 -24.81
C LEU G 77 -20.69 1.46 -25.31
N ALA G 78 -21.08 1.07 -26.51
CA ALA G 78 -20.53 -0.14 -27.12
C ALA G 78 -19.00 -0.07 -27.17
N VAL G 79 -18.46 1.05 -27.65
CA VAL G 79 -17.02 1.25 -27.75
C VAL G 79 -16.35 1.18 -26.39
N LEU G 80 -16.90 1.88 -25.40
CA LEU G 80 -16.33 1.87 -24.05
C LEU G 80 -16.32 0.47 -23.45
N ARG G 81 -17.40 -0.27 -23.64
CA ARG G 81 -17.49 -1.62 -23.10
C ARG G 81 -16.52 -2.57 -23.77
N GLU G 82 -16.29 -2.39 -25.07
CA GLU G 82 -15.32 -3.25 -25.75
C GLU G 82 -13.90 -2.94 -25.33
N LEU G 83 -13.59 -1.65 -25.19
CA LEU G 83 -12.25 -1.27 -24.74
C LEU G 83 -11.92 -1.80 -23.35
N ALA G 84 -12.95 -1.98 -22.52
CA ALA G 84 -12.76 -2.51 -21.17
C ALA G 84 -12.85 -4.04 -21.16
N GLY G 85 -13.12 -4.61 -22.32
CA GLY G 85 -13.34 -6.05 -22.46
C GLY G 85 -12.15 -6.98 -22.25
N GLY G 86 -10.94 -6.44 -22.19
CA GLY G 86 -9.77 -7.25 -21.90
C GLY G 86 -8.87 -7.52 -23.10
N ALA G 87 -9.35 -7.18 -24.28
CA ALA G 87 -8.61 -7.42 -25.52
C ALA G 87 -7.54 -6.38 -25.77
N TRP G 88 -7.64 -5.25 -25.10
CA TRP G 88 -6.86 -4.09 -25.46
C TRP G 88 -5.80 -3.78 -24.44
N GLU G 89 -4.67 -3.26 -24.92
CA GLU G 89 -3.61 -2.82 -24.03
C GLU G 89 -3.84 -1.35 -23.78
N LEU G 90 -4.31 -1.02 -22.58
CA LEU G 90 -4.60 0.36 -22.25
C LEU G 90 -3.39 0.88 -21.53
N ALA G 91 -2.65 1.74 -22.21
CA ALA G 91 -1.28 1.99 -21.82
C ALA G 91 -1.19 2.97 -20.67
N ASN G 92 -0.27 2.70 -19.76
CA ASN G 92 -0.05 3.59 -18.64
C ASN G 92 0.72 4.80 -19.10
N CYS G 93 0.09 5.96 -19.00
CA CYS G 93 0.76 7.21 -19.38
C CYS G 93 0.84 8.10 -18.16
N GLY G 94 2.05 8.26 -17.64
CA GLY G 94 2.28 9.05 -16.45
C GLY G 94 3.02 10.34 -16.74
N ALA G 95 3.63 10.88 -15.70
CA ALA G 95 4.39 12.12 -15.81
C ALA G 95 5.52 12.00 -16.82
N ALA G 96 6.30 10.93 -16.74
CA ALA G 96 7.42 10.72 -17.65
C ALA G 96 6.97 10.76 -19.11
N GLU G 97 5.92 10.00 -19.42
CA GLU G 97 5.38 9.95 -20.76
C GLU G 97 4.85 11.30 -21.22
N ILE G 98 4.31 12.08 -20.30
CA ILE G 98 3.80 13.41 -20.64
C ILE G 98 4.94 14.38 -20.94
N GLU G 99 5.92 14.43 -20.05
CA GLU G 99 7.14 15.19 -20.23
C GLU G 99 7.79 14.90 -21.58
N GLN G 100 7.94 13.62 -21.87
CA GLN G 100 8.55 13.16 -23.10
C GLN G 100 7.69 13.52 -24.30
N ALA G 101 6.37 13.44 -24.12
CA ALA G 101 5.43 13.78 -25.18
C ALA G 101 5.54 15.26 -25.50
N ALA G 102 5.82 16.05 -24.46
CA ALA G 102 5.98 17.48 -24.58
C ALA G 102 7.24 17.80 -25.36
N ARG G 103 8.31 17.04 -25.10
CA ARG G 103 9.52 17.23 -25.88
C ARG G 103 9.29 16.84 -27.34
N ILE G 104 8.51 15.79 -27.56
CA ILE G 104 8.14 15.37 -28.91
C ILE G 104 7.30 16.45 -29.63
N VAL G 105 6.49 17.20 -28.87
CA VAL G 105 5.67 18.28 -29.43
C VAL G 105 6.51 19.53 -29.70
N THR G 106 7.57 19.71 -28.93
CA THR G 106 8.47 20.83 -29.17
C THR G 106 9.25 20.55 -30.43
N LYS G 107 9.80 19.35 -30.49
CA LYS G 107 10.48 18.92 -31.68
C LYS G 107 9.60 19.14 -32.90
N TYR G 108 8.29 18.85 -32.82
CA TYR G 108 7.44 19.36 -33.89
C TYR G 108 6.26 20.19 -33.39
N GLN G 109 6.45 21.51 -33.35
CA GLN G 109 5.47 22.37 -33.98
C GLN G 109 6.31 22.83 -35.14
N ASP G 110 6.28 22.00 -36.18
CA ASP G 110 6.12 22.48 -37.52
C ASP G 110 4.73 21.95 -37.80
N GLN G 111 4.39 20.92 -37.02
CA GLN G 111 3.31 19.98 -37.32
C GLN G 111 1.96 20.09 -36.59
N ARG G 112 1.84 20.89 -35.54
CA ARG G 112 0.61 20.93 -34.73
C ARG G 112 0.19 19.45 -34.48
N ILE G 113 0.97 18.73 -33.68
CA ILE G 113 0.66 17.33 -33.42
C ILE G 113 -0.32 17.08 -32.25
N GLY G 114 -0.07 17.68 -31.09
CA GLY G 114 -0.91 17.39 -29.95
C GLY G 114 -0.50 16.14 -29.19
N ILE G 115 -1.01 16.05 -27.96
CA ILE G 115 -0.54 15.05 -27.01
C ILE G 115 -0.91 13.64 -27.43
N ALA G 116 -1.98 13.49 -28.19
CA ALA G 116 -2.38 12.17 -28.67
C ALA G 116 -1.26 11.53 -29.48
N ASP G 117 -0.91 12.22 -30.56
CA ASP G 117 0.10 11.75 -31.49
C ASP G 117 1.46 11.66 -30.81
N ALA G 118 1.81 12.70 -30.04
CA ALA G 118 3.07 12.68 -29.30
C ALA G 118 3.21 11.43 -28.42
N ALA G 119 2.21 11.24 -27.57
CA ALA G 119 2.15 10.08 -26.69
C ALA G 119 2.20 8.79 -27.49
N ASN G 120 1.64 8.80 -28.71
CA ASN G 120 1.74 7.61 -29.54
C ASN G 120 3.17 7.31 -29.96
N VAL G 121 3.95 8.34 -30.26
CA VAL G 121 5.38 8.12 -30.51
C VAL G 121 6.06 7.50 -29.27
N VAL G 122 5.87 8.16 -28.13
CA VAL G 122 6.46 7.68 -26.86
C VAL G 122 6.12 6.20 -26.60
N LEU G 123 4.87 5.86 -26.88
CA LEU G 123 4.37 4.50 -26.68
C LEU G 123 4.99 3.53 -27.66
N ALA G 124 5.22 4.02 -28.86
CA ALA G 124 5.87 3.23 -29.89
C ALA G 124 7.21 2.74 -29.38
N ASP G 125 7.97 3.61 -28.71
CA ASP G 125 9.23 3.10 -28.13
C ASP G 125 9.14 2.40 -26.76
N ARG G 126 8.15 2.75 -25.93
CA ARG G 126 7.94 2.01 -24.69
C ARG G 126 7.67 0.54 -24.96
N TYR G 127 6.92 0.29 -26.03
CA TYR G 127 6.58 -1.06 -26.44
C TYR G 127 7.58 -1.54 -27.49
N ARG G 128 8.60 -0.72 -27.72
CA ARG G 128 9.69 -1.02 -28.65
C ARG G 128 9.17 -1.57 -29.97
N THR G 129 8.42 -0.74 -30.66
CA THR G 129 7.81 -1.10 -31.93
C THR G 129 7.71 0.14 -32.80
N ARG G 130 7.93 0.00 -34.10
CA ARG G 130 7.75 1.13 -34.98
C ARG G 130 6.42 1.07 -35.75
N THR G 131 5.60 0.05 -35.47
CA THR G 131 4.33 -0.13 -36.18
C THR G 131 3.21 0.79 -35.67
N ILE G 132 2.67 1.60 -36.57
CA ILE G 132 1.55 2.47 -36.23
C ILE G 132 0.30 2.15 -37.06
N LEU G 133 -0.82 1.94 -36.38
CA LEU G 133 -2.08 1.69 -37.04
C LEU G 133 -2.93 2.96 -37.02
N THR G 134 -3.22 3.49 -38.20
CA THR G 134 -3.86 4.80 -38.33
C THR G 134 -4.17 5.13 -39.78
N LEU G 135 -5.13 6.01 -40.00
CA LEU G 135 -5.50 6.39 -41.36
C LEU G 135 -4.83 7.66 -41.85
N ASP G 136 -4.25 8.42 -40.94
CA ASP G 136 -3.63 9.65 -41.38
C ASP G 136 -2.21 9.25 -41.65
N ARG G 137 -1.85 9.16 -42.92
CA ARG G 137 -0.69 8.34 -43.21
C ARG G 137 0.59 9.10 -43.03
N ARG G 138 0.88 10.04 -43.92
CA ARG G 138 2.06 10.87 -43.70
C ARG G 138 1.80 12.25 -43.07
N HIS G 139 0.61 12.58 -42.58
CA HIS G 139 0.69 13.50 -41.42
C HIS G 139 1.31 12.75 -40.26
N PHE G 140 1.18 11.42 -40.20
CA PHE G 140 1.96 10.73 -39.18
C PHE G 140 3.40 10.45 -39.61
N SER G 141 3.60 10.10 -40.88
CA SER G 141 4.92 9.69 -41.36
C SER G 141 5.87 10.87 -41.48
N ALA G 142 5.34 12.08 -41.28
CA ALA G 142 6.15 13.28 -41.23
C ALA G 142 6.95 13.34 -39.93
N LEU G 143 6.70 12.38 -39.04
CA LEU G 143 7.46 12.27 -37.81
C LEU G 143 8.35 11.04 -37.86
N ARG G 144 9.17 10.86 -36.83
CA ARG G 144 10.18 9.81 -36.81
C ARG G 144 10.22 9.13 -35.44
N PRO G 145 10.46 7.81 -35.41
CA PRO G 145 10.60 7.09 -34.14
C PRO G 145 11.70 7.67 -33.27
N ILE G 146 11.59 7.49 -31.96
CA ILE G 146 12.62 7.97 -31.04
C ILE G 146 13.94 7.26 -31.29
N GLY G 147 13.89 5.95 -31.48
CA GLY G 147 15.08 5.13 -31.65
C GLY G 147 15.74 5.18 -33.02
N GLY G 148 15.05 5.76 -34.00
CA GLY G 148 15.62 5.88 -35.34
C GLY G 148 15.02 4.91 -36.32
N GLY G 149 15.08 5.28 -37.60
CA GLY G 149 14.36 4.56 -38.63
C GLY G 149 13.09 5.31 -38.96
N ARG G 150 12.18 4.68 -39.70
CA ARG G 150 10.85 5.26 -39.97
C ARG G 150 9.73 4.38 -39.45
N PHE G 151 8.57 4.97 -39.20
CA PHE G 151 7.39 4.22 -38.75
C PHE G 151 6.84 3.38 -39.88
N THR G 152 6.35 2.19 -39.57
CA THR G 152 5.55 1.41 -40.50
C THR G 152 4.09 1.77 -40.25
N VAL G 153 3.47 2.44 -41.21
CA VAL G 153 2.14 2.97 -41.00
C VAL G 153 1.10 2.15 -41.75
N ILE G 154 0.29 1.42 -40.99
CA ILE G 154 -0.68 0.49 -41.55
C ILE G 154 -2.09 0.96 -41.25
N PRO G 155 -3.08 0.56 -42.09
CA PRO G 155 -2.98 -0.33 -43.26
C PRO G 155 -2.44 0.36 -44.51
N SER H 19 -11.09 4.55 10.64
CA SER H 19 -10.23 3.65 9.88
C SER H 19 -9.43 2.74 10.80
N HIS H 20 -9.11 3.18 11.99
CA HIS H 20 -8.33 2.36 12.90
C HIS H 20 -8.60 2.69 14.35
N ILE H 22 -6.94 1.81 18.27
CA ILE H 22 -5.88 1.24 19.09
C ILE H 22 -6.47 0.72 20.39
N ILE H 23 -6.21 -0.54 20.71
CA ILE H 23 -6.91 -1.19 21.82
C ILE H 23 -6.01 -1.56 22.99
N ASP H 24 -6.34 -0.99 24.15
CA ASP H 24 -5.62 -1.25 25.39
C ASP H 24 -6.03 -2.57 26.06
N THR H 25 -5.17 -3.06 26.94
CA THR H 25 -5.40 -4.29 27.72
C THR H 25 -6.73 -4.33 28.49
N SER H 26 -7.03 -3.24 29.19
CA SER H 26 -8.24 -3.17 30.03
C SER H 26 -9.52 -3.42 29.24
N ALA H 27 -9.64 -2.74 28.10
CA ALA H 27 -10.77 -2.89 27.20
C ALA H 27 -10.96 -4.33 26.75
N LEU H 28 -9.86 -4.99 26.40
CA LEU H 28 -9.89 -6.38 25.98
C LEU H 28 -10.32 -7.29 27.11
N LEU H 29 -9.82 -7.03 28.31
CA LEU H 29 -10.26 -7.74 29.50
C LEU H 29 -11.78 -7.65 29.63
N ALA H 30 -12.31 -6.43 29.53
CA ALA H 30 -13.76 -6.24 29.63
C ALA H 30 -14.50 -6.90 28.46
N TYR H 31 -13.85 -7.01 27.30
CA TYR H 31 -14.51 -7.52 26.12
C TYR H 31 -14.64 -9.04 26.12
N PHE H 32 -13.58 -9.73 26.55
CA PHE H 32 -13.57 -11.20 26.53
C PHE H 32 -14.32 -11.77 27.72
N ASP H 33 -14.49 -10.96 28.75
CA ASP H 33 -15.16 -11.37 29.97
C ASP H 33 -16.59 -10.86 29.93
N ALA H 34 -17.54 -11.79 29.80
CA ALA H 34 -18.95 -11.41 29.72
C ALA H 34 -19.43 -10.83 31.04
N ALA H 35 -18.69 -11.15 32.10
CA ALA H 35 -19.09 -10.84 33.46
C ALA H 35 -18.48 -9.55 33.99
N GLU H 36 -17.62 -8.92 33.20
CA GLU H 36 -17.01 -7.65 33.57
C GLU H 36 -18.06 -6.54 33.42
N PRO H 37 -18.11 -5.59 34.35
CA PRO H 37 -19.18 -4.58 34.31
C PRO H 37 -19.13 -3.68 33.06
N ASP H 38 -17.95 -3.52 32.47
CA ASP H 38 -17.81 -2.68 31.28
C ASP H 38 -17.93 -3.45 29.97
N HIS H 39 -18.25 -4.74 30.09
CA HIS H 39 -18.32 -5.63 28.94
C HIS H 39 -19.20 -5.08 27.83
N ALA H 40 -20.40 -4.65 28.20
CA ALA H 40 -21.39 -4.18 27.25
C ALA H 40 -20.90 -2.98 26.44
N ALA H 41 -20.39 -1.96 27.12
CA ALA H 41 -19.89 -0.75 26.47
C ALA H 41 -18.80 -1.04 25.44
N VAL H 42 -17.77 -1.76 25.89
CA VAL H 42 -16.67 -2.15 25.01
C VAL H 42 -17.20 -2.98 23.85
N SER H 43 -18.15 -3.87 24.11
CA SER H 43 -18.72 -4.71 23.07
C SER H 43 -19.45 -3.87 22.01
N GLU H 44 -20.13 -2.82 22.46
CA GLU H 44 -20.79 -1.91 21.54
C GLU H 44 -19.77 -1.13 20.72
N CYS H 45 -18.63 -0.82 21.33
CA CYS H 45 -17.56 -0.16 20.58
C CYS H 45 -16.97 -1.09 19.52
N ILE H 46 -16.63 -2.31 19.92
CA ILE H 46 -15.95 -3.26 19.05
C ILE H 46 -16.89 -3.87 18.00
N ASP H 47 -17.83 -4.67 18.45
CA ASP H 47 -18.92 -5.10 17.59
C ASP H 47 -19.60 -3.83 17.12
N SER H 48 -19.87 -3.75 15.81
CA SER H 48 -20.46 -2.59 15.11
C SER H 48 -19.44 -1.53 14.67
N SER H 49 -18.15 -1.74 14.96
CA SER H 49 -17.13 -0.82 14.43
C SER H 49 -16.72 -1.19 13.02
N ALA H 50 -16.55 -0.18 12.17
CA ALA H 50 -15.94 -0.39 10.86
C ALA H 50 -14.43 -0.45 11.01
N ASP H 51 -13.94 0.22 12.05
CA ASP H 51 -12.51 0.34 12.30
C ASP H 51 -11.79 -1.00 12.34
N ALA H 52 -10.60 -1.02 11.77
CA ALA H 52 -9.68 -2.11 12.03
C ALA H 52 -9.35 -2.05 13.51
N LEU H 53 -9.20 -3.21 14.14
CA LEU H 53 -8.94 -3.25 15.58
C LEU H 53 -7.48 -3.56 15.84
N VAL H 54 -6.71 -2.56 16.28
CA VAL H 54 -5.26 -2.69 16.38
C VAL H 54 -4.82 -3.07 17.78
N VAL H 55 -4.05 -4.16 17.88
CA VAL H 55 -3.55 -4.66 19.15
C VAL H 55 -2.03 -4.86 19.12
N SER H 56 -1.32 -4.18 20.02
CA SER H 56 0.13 -4.35 20.14
C SER H 56 0.41 -5.68 20.80
N PRO H 57 1.57 -6.29 20.48
CA PRO H 57 1.94 -7.56 21.11
C PRO H 57 2.24 -7.40 22.60
N TYR H 58 2.53 -6.17 23.02
CA TYR H 58 2.73 -5.87 24.44
C TYR H 58 1.41 -6.01 25.20
N VAL H 59 0.34 -5.50 24.60
CA VAL H 59 -1.01 -5.69 25.13
C VAL H 59 -1.36 -7.17 25.17
N VAL H 60 -1.00 -7.90 24.12
CA VAL H 60 -1.22 -9.34 24.07
C VAL H 60 -0.51 -10.03 25.23
N ALA H 61 0.72 -9.62 25.52
CA ALA H 61 1.47 -10.18 26.64
C ALA H 61 0.78 -9.91 27.97
N GLU H 62 0.47 -8.65 28.21
CA GLU H 62 -0.23 -8.24 29.43
C GLU H 62 -1.52 -9.04 29.63
N LEU H 63 -2.36 -9.04 28.59
CA LEU H 63 -3.64 -9.73 28.58
C LEU H 63 -3.49 -11.21 28.89
N ASP H 64 -2.55 -11.85 28.18
CA ASP H 64 -2.25 -13.27 28.37
C ASP H 64 -1.92 -13.56 29.83
N TYR H 65 -0.98 -12.80 30.38
CA TYR H 65 -0.57 -13.02 31.77
C TYR H 65 -1.76 -12.85 32.73
N LEU H 66 -2.46 -11.74 32.60
CA LEU H 66 -3.57 -11.43 33.50
C LEU H 66 -4.71 -12.47 33.45
N VAL H 67 -5.09 -12.87 32.24
CA VAL H 67 -6.16 -13.86 32.07
C VAL H 67 -5.72 -15.23 32.60
N ALA H 68 -4.49 -15.63 32.27
CA ALA H 68 -3.98 -16.92 32.73
C ALA H 68 -3.92 -17.00 34.25
N THR H 69 -3.46 -15.91 34.88
CA THR H 69 -3.26 -15.91 36.33
C THR H 69 -4.55 -15.69 37.14
N ARG H 70 -5.43 -14.81 36.66
CA ARG H 70 -6.64 -14.44 37.41
C ARG H 70 -7.93 -15.18 37.03
N VAL H 71 -7.92 -15.92 35.93
CA VAL H 71 -9.08 -16.73 35.54
C VAL H 71 -8.69 -18.18 35.39
N GLY H 72 -7.91 -18.47 34.35
CA GLY H 72 -7.42 -19.80 34.10
C GLY H 72 -6.90 -20.00 32.69
N VAL H 73 -6.25 -21.14 32.47
CA VAL H 73 -5.61 -21.45 31.20
C VAL H 73 -6.61 -21.63 30.06
N ASP H 74 -7.78 -22.19 30.36
CA ASP H 74 -8.81 -22.36 29.34
C ASP H 74 -9.28 -21.01 28.78
N ALA H 75 -9.43 -20.05 29.69
CA ALA H 75 -9.76 -18.67 29.30
C ALA H 75 -8.64 -18.06 28.47
N GLU H 76 -7.40 -18.25 28.93
CA GLU H 76 -6.24 -17.79 28.18
C GLU H 76 -6.26 -18.32 26.75
N LEU H 77 -6.56 -19.61 26.62
CA LEU H 77 -6.60 -20.28 25.34
C LEU H 77 -7.70 -19.71 24.44
N ALA H 78 -8.89 -19.54 25.00
CA ALA H 78 -9.99 -18.93 24.26
C ALA H 78 -9.56 -17.56 23.71
N VAL H 79 -8.95 -16.76 24.58
CA VAL H 79 -8.48 -15.42 24.23
C VAL H 79 -7.44 -15.43 23.11
N LEU H 80 -6.45 -16.31 23.22
CA LEU H 80 -5.40 -16.42 22.22
C LEU H 80 -5.93 -16.89 20.88
N ARG H 81 -6.86 -17.84 20.90
CA ARG H 81 -7.44 -18.36 19.67
C ARG H 81 -8.31 -17.33 18.97
N GLU H 82 -9.05 -16.53 19.75
CA GLU H 82 -9.83 -15.45 19.15
C GLU H 82 -8.95 -14.36 18.57
N LEU H 83 -7.92 -14.00 19.33
CA LEU H 83 -6.95 -13.01 18.85
C LEU H 83 -6.29 -13.47 17.55
N ALA H 84 -6.12 -14.78 17.41
CA ALA H 84 -5.47 -15.33 16.23
C ALA H 84 -6.49 -15.64 15.12
N GLY H 85 -7.76 -15.40 15.41
CA GLY H 85 -8.84 -15.75 14.49
C GLY H 85 -8.88 -15.01 13.17
N GLY H 86 -8.31 -13.82 13.12
CA GLY H 86 -8.38 -13.02 11.90
C GLY H 86 -9.23 -11.78 11.99
N ALA H 87 -9.93 -11.59 13.10
CA ALA H 87 -10.76 -10.42 13.28
C ALA H 87 -9.92 -9.20 13.64
N TRP H 88 -8.69 -9.44 14.10
CA TRP H 88 -7.87 -8.41 14.69
C TRP H 88 -6.65 -8.09 13.84
N GLU H 89 -6.16 -6.84 13.97
CA GLU H 89 -4.92 -6.43 13.33
C GLU H 89 -3.84 -6.51 14.39
N LEU H 90 -2.95 -7.49 14.27
CA LEU H 90 -1.91 -7.68 15.26
C LEU H 90 -0.65 -6.94 14.85
N ALA H 91 -0.31 -5.88 15.58
CA ALA H 91 0.74 -4.97 15.20
C ALA H 91 2.16 -5.51 15.35
N ASN H 92 3.04 -5.13 14.43
CA ASN H 92 4.47 -5.34 14.64
C ASN H 92 4.99 -4.26 15.58
N CYS H 93 5.80 -4.60 16.57
CA CYS H 93 6.65 -3.55 17.11
C CYS H 93 8.13 -3.91 16.91
N GLY H 94 8.77 -3.21 15.97
CA GLY H 94 10.17 -3.43 15.66
C GLY H 94 11.10 -2.39 16.26
N ALA H 95 12.30 -2.26 15.69
CA ALA H 95 13.33 -1.37 16.23
C ALA H 95 12.86 0.09 16.33
N ALA H 96 12.30 0.60 15.24
CA ALA H 96 11.84 1.99 15.17
C ALA H 96 10.78 2.29 16.22
N GLU H 97 9.83 1.37 16.37
CA GLU H 97 8.75 1.51 17.34
C GLU H 97 9.27 1.58 18.77
N ILE H 98 10.25 0.72 19.10
CA ILE H 98 10.80 0.68 20.44
C ILE H 98 11.59 1.95 20.75
N GLU H 99 12.37 2.40 19.77
CA GLU H 99 13.15 3.63 19.92
C GLU H 99 12.22 4.84 20.16
N GLN H 100 11.22 4.99 19.29
CA GLN H 100 10.26 6.09 19.45
C GLN H 100 9.51 5.99 20.78
N ALA H 101 9.14 4.78 21.17
CA ALA H 101 8.39 4.54 22.39
C ALA H 101 9.22 4.88 23.63
N ALA H 102 10.52 4.65 23.54
CA ALA H 102 11.44 5.05 24.59
C ALA H 102 11.41 6.56 24.72
N ARG H 103 11.52 7.23 23.59
CA ARG H 103 11.40 8.69 23.61
C ARG H 103 10.09 9.16 24.27
N ILE H 104 9.00 8.43 24.03
CA ILE H 104 7.71 8.79 24.63
C ILE H 104 7.63 8.52 26.14
N VAL H 105 8.22 7.41 26.58
CA VAL H 105 8.40 7.17 28.01
C VAL H 105 9.10 8.38 28.62
N THR H 106 10.11 8.89 27.93
CA THR H 106 10.88 10.02 28.45
C THR H 106 10.08 11.33 28.51
N LYS H 107 9.33 11.64 27.46
CA LYS H 107 8.55 12.90 27.45
C LYS H 107 7.53 12.95 28.60
N TYR H 108 7.01 11.78 28.95
CA TYR H 108 5.96 11.61 29.95
C TYR H 108 6.46 11.25 31.36
N GLN H 109 7.71 11.58 31.65
CA GLN H 109 8.33 11.36 32.96
C GLN H 109 7.37 11.69 34.11
N ASP H 110 6.49 12.66 33.88
CA ASP H 110 5.38 12.98 34.78
C ASP H 110 4.63 11.73 35.26
N GLN H 111 3.98 11.04 34.33
CA GLN H 111 3.41 9.73 34.61
C GLN H 111 4.58 8.75 34.70
N ARG H 112 4.29 7.48 34.98
CA ARG H 112 5.26 6.44 34.72
C ARG H 112 4.51 5.40 33.91
N ILE H 113 4.86 5.32 32.62
CA ILE H 113 3.98 4.65 31.66
C ILE H 113 4.51 3.28 31.24
N GLY H 114 5.66 3.26 30.60
CA GLY H 114 6.24 2.00 30.17
C GLY H 114 5.83 1.63 28.75
N ILE H 115 6.34 0.50 28.30
CA ILE H 115 6.34 0.21 26.89
C ILE H 115 4.95 -0.06 26.31
N ALA H 116 4.01 -0.57 27.09
CA ALA H 116 2.69 -0.87 26.54
C ALA H 116 1.98 0.41 26.11
N ASP H 117 1.89 1.35 27.05
CA ASP H 117 1.25 2.64 26.82
C ASP H 117 2.01 3.46 25.77
N ALA H 118 3.33 3.59 25.96
CA ALA H 118 4.16 4.33 25.02
C ALA H 118 3.97 3.80 23.59
N ALA H 119 4.05 2.48 23.45
CA ALA H 119 3.86 1.84 22.15
C ALA H 119 2.47 2.11 21.62
N ASN H 120 1.46 2.18 22.49
CA ASN H 120 0.13 2.50 22.01
C ASN H 120 0.07 3.89 21.38
N VAL H 121 0.79 4.84 21.97
CA VAL H 121 0.92 6.16 21.34
C VAL H 121 1.57 6.06 19.96
N VAL H 122 2.74 5.41 19.92
CA VAL H 122 3.46 5.19 18.65
C VAL H 122 2.59 4.60 17.55
N LEU H 123 1.83 3.56 17.91
CA LEU H 123 0.98 2.84 16.97
C LEU H 123 -0.22 3.65 16.54
N ALA H 124 -0.74 4.45 17.47
CA ALA H 124 -1.78 5.39 17.12
C ALA H 124 -1.27 6.27 15.98
N ASP H 125 -0.01 6.71 16.08
CA ASP H 125 0.54 7.50 14.98
C ASP H 125 0.81 6.68 13.72
N ARG H 126 1.23 5.42 13.88
CA ARG H 126 1.55 4.57 12.73
C ARG H 126 0.33 4.29 11.87
N TYR H 127 -0.81 4.07 12.51
CA TYR H 127 -2.04 3.75 11.80
C TYR H 127 -2.83 5.05 11.57
N ARG H 128 -2.24 6.17 11.97
CA ARG H 128 -2.84 7.51 11.88
C ARG H 128 -4.30 7.44 12.33
N THR H 129 -4.47 7.29 13.63
CA THR H 129 -5.78 7.37 14.25
C THR H 129 -5.58 7.99 15.62
N ARG H 130 -6.56 8.76 16.06
CA ARG H 130 -6.51 9.30 17.40
C ARG H 130 -7.40 8.48 18.35
N THR H 131 -8.02 7.41 17.84
CA THR H 131 -9.03 6.68 18.62
C THR H 131 -8.41 5.59 19.50
N ILE H 132 -8.54 5.76 20.81
CA ILE H 132 -8.01 4.81 21.79
C ILE H 132 -9.11 4.11 22.55
N LEU H 133 -9.14 2.78 22.51
CA LEU H 133 -10.08 2.01 23.31
C LEU H 133 -9.39 1.55 24.59
N THR H 134 -9.79 2.13 25.71
CA THR H 134 -9.20 1.79 27.01
C THR H 134 -10.12 2.15 28.15
N LEU H 135 -9.94 1.49 29.29
CA LEU H 135 -10.63 1.92 30.49
C LEU H 135 -9.76 2.78 31.38
N ASP H 136 -8.48 2.96 31.02
CA ASP H 136 -7.68 3.88 31.82
C ASP H 136 -7.86 5.22 31.14
N ARG H 137 -8.76 6.02 31.69
CA ARG H 137 -9.12 7.29 31.08
C ARG H 137 -8.21 8.42 31.50
N ARG H 138 -8.03 8.54 32.81
CA ARG H 138 -7.26 9.64 33.38
C ARG H 138 -5.79 9.46 33.07
N HIS H 139 -5.32 8.22 33.13
CA HIS H 139 -3.95 7.91 32.76
C HIS H 139 -3.66 8.33 31.33
N PHE H 140 -4.58 8.01 30.43
CA PHE H 140 -4.32 8.17 29.00
C PHE H 140 -4.73 9.52 28.40
N SER H 141 -5.49 10.33 29.12
CA SER H 141 -5.86 11.63 28.58
C SER H 141 -4.72 12.62 28.76
N ALA H 142 -3.83 12.32 29.71
CA ALA H 142 -2.67 13.18 29.94
C ALA H 142 -1.67 13.02 28.81
N LEU H 143 -1.64 11.84 28.21
CA LEU H 143 -0.80 11.58 27.05
C LEU H 143 -1.35 12.36 25.85
N ARG H 144 -0.47 12.79 24.95
CA ARG H 144 -0.89 13.50 23.76
C ARG H 144 -0.44 12.73 22.52
N PRO H 145 -1.26 12.74 21.46
CA PRO H 145 -0.81 12.08 20.23
C PRO H 145 0.39 12.81 19.63
N ILE H 146 1.21 12.08 18.89
CA ILE H 146 2.42 12.66 18.30
C ILE H 146 2.06 13.77 17.29
N GLY H 147 1.00 13.54 16.52
CA GLY H 147 0.63 14.45 15.46
C GLY H 147 -0.07 15.72 15.91
N GLY H 148 -0.29 15.87 17.21
CA GLY H 148 -0.99 17.02 17.74
C GLY H 148 -2.45 16.72 17.98
N GLY H 149 -3.11 17.57 18.76
CA GLY H 149 -4.51 17.36 19.13
C GLY H 149 -4.61 16.58 20.43
N ARG H 150 -5.76 15.93 20.65
CA ARG H 150 -5.95 15.07 21.81
C ARG H 150 -6.42 13.69 21.37
N PHE H 151 -6.19 12.68 22.19
CA PHE H 151 -6.74 11.36 21.90
C PHE H 151 -8.25 11.36 22.11
N THR H 152 -8.95 10.57 21.31
CA THR H 152 -10.38 10.38 21.54
C THR H 152 -10.53 9.06 22.25
N VAL H 153 -10.87 9.12 23.54
CA VAL H 153 -10.95 7.91 24.35
C VAL H 153 -12.38 7.40 24.42
N ILE H 154 -12.64 6.28 23.75
CA ILE H 154 -13.94 5.64 23.82
C ILE H 154 -13.90 4.56 24.91
N PRO H 155 -15.00 4.46 25.70
CA PRO H 155 -15.02 3.99 27.09
C PRO H 155 -13.66 3.90 27.76
#